data_1D8I
#
_entry.id   1D8I
#
_cell.length_a   121.358
_cell.length_b   116.095
_cell.length_c   82.310
_cell.angle_alpha   90.00
_cell.angle_beta   110.25
_cell.angle_gamma   90.00
#
_symmetry.space_group_name_H-M   'C 1 2 1'
#
loop_
_entity.id
_entity.type
_entity.pdbx_description
1 polymer 'MRNA TRIPHOSPHATASE CET1'
2 non-polymer 'SULFATE ION'
3 water water
#
_entity_poly.entity_id   1
_entity_poly.type   'polypeptide(L)'
_entity_poly.pdbx_seq_one_letter_code
;HMYRNVPIWAQKWKPTIKALQSINVKDLKIDPSFLNIIPDDDLTKSVQDWVYATIYSIAPELRSFIELEMKFGVIIDAKG
PDRVNPPVSSQCVFTELDAHLTPNIDASLFKELSKYIRGISEVTENTGKFSIIESQTRDSVYRVGLSTQRPRFLRMSTDI
KTGRVGQFIEKRHVAQLLLYSPKDSYDVKISLNLELPVPDNDPPEKYKSQSPISERTKDRVSYIHNDSCTRIDITKVENH
NQNSKSRQSETTHEVELEINTPALLNAFDNITNDSKEYASLIRTFLNNGTIIRRKLSSLSYEIFEGSKKVM
;
_entity_poly.pdbx_strand_id   A,B,C
#
# COMPACT_ATOMS: atom_id res chain seq x y z
N HIS A 1 -24.84 17.66 -36.83
CA HIS A 1 -24.38 18.21 -35.52
C HIS A 1 -22.98 17.69 -35.19
N MET A 2 -22.95 16.36 -35.17
CA MET A 2 -21.68 15.72 -34.84
C MET A 2 -20.78 15.85 -36.03
N TYR A 3 -21.34 15.67 -37.25
CA TYR A 3 -20.44 15.48 -38.40
C TYR A 3 -20.45 16.71 -39.30
N ARG A 4 -21.03 17.80 -38.85
CA ARG A 4 -21.03 19.03 -39.63
C ARG A 4 -20.49 20.18 -38.72
N ASN A 5 -20.25 21.35 -39.27
CA ASN A 5 -19.99 22.60 -38.63
C ASN A 5 -20.56 23.78 -39.48
N VAL A 6 -21.38 24.56 -38.79
CA VAL A 6 -21.95 25.71 -39.44
C VAL A 6 -21.61 27.01 -38.75
N PRO A 7 -21.43 28.06 -39.55
CA PRO A 7 -21.07 29.36 -38.94
C PRO A 7 -22.19 29.82 -38.02
N ILE A 8 -21.83 30.58 -36.98
CA ILE A 8 -22.78 31.09 -36.00
C ILE A 8 -23.92 31.88 -36.64
N TRP A 9 -23.65 32.75 -37.63
CA TRP A 9 -24.70 33.57 -38.20
C TRP A 9 -25.66 32.77 -39.07
N ALA A 10 -25.34 31.54 -39.42
CA ALA A 10 -26.16 30.71 -40.29
C ALA A 10 -26.79 29.56 -39.55
N GLN A 11 -26.63 29.41 -38.22
CA GLN A 11 -27.22 28.26 -37.55
C GLN A 11 -28.71 28.44 -37.37
N LYS A 12 -29.52 27.43 -37.61
CA LYS A 12 -30.97 27.68 -37.50
C LYS A 12 -31.53 26.88 -36.31
N TRP A 13 -31.23 25.61 -36.11
CA TRP A 13 -31.71 24.92 -34.94
C TRP A 13 -30.88 25.27 -33.70
N LYS A 14 -31.66 25.47 -32.65
CA LYS A 14 -31.13 25.54 -31.31
C LYS A 14 -31.80 24.35 -30.62
N PRO A 15 -31.01 23.46 -30.07
CA PRO A 15 -31.53 22.31 -29.34
C PRO A 15 -32.41 22.80 -28.19
N THR A 16 -33.51 22.19 -27.84
CA THR A 16 -34.24 22.57 -26.64
C THR A 16 -33.53 21.89 -25.46
N ILE A 17 -33.20 22.69 -24.44
CA ILE A 17 -32.65 22.13 -23.22
C ILE A 17 -33.75 22.24 -22.16
N LYS A 18 -34.24 21.12 -21.65
CA LYS A 18 -35.35 21.28 -20.71
C LYS A 18 -34.84 21.66 -19.32
N ALA A 19 -35.74 22.31 -18.62
CA ALA A 19 -35.53 22.73 -17.24
C ALA A 19 -35.36 21.51 -16.36
N LEU A 20 -34.65 21.57 -15.26
CA LEU A 20 -34.67 20.47 -14.29
C LEU A 20 -36.08 20.15 -13.76
N GLN A 21 -36.50 18.91 -13.91
CA GLN A 21 -37.77 18.45 -13.34
C GLN A 21 -37.74 18.52 -11.83
N SER A 22 -38.86 18.76 -11.13
CA SER A 22 -38.79 18.79 -9.67
C SER A 22 -38.23 17.43 -9.23
N ILE A 23 -36.97 17.47 -8.80
CA ILE A 23 -36.26 16.25 -8.42
C ILE A 23 -37.09 15.38 -7.49
N ASN A 24 -36.71 14.11 -7.34
CA ASN A 24 -37.37 13.12 -6.51
C ASN A 24 -37.15 13.22 -5.01
N VAL A 25 -36.74 14.39 -4.56
CA VAL A 25 -36.55 14.82 -3.21
C VAL A 25 -37.73 14.66 -2.30
N LYS A 26 -37.51 14.50 -1.01
CA LYS A 26 -38.62 14.50 -0.06
C LYS A 26 -39.66 15.53 -0.51
N ASP A 27 -40.92 15.12 -0.62
CA ASP A 27 -41.92 16.09 -1.09
C ASP A 27 -41.58 17.47 -0.52
N LEU A 28 -41.16 18.43 -1.34
CA LEU A 28 -40.74 19.73 -0.81
C LEU A 28 -41.91 20.42 -0.10
N LYS A 29 -41.64 21.59 0.42
CA LYS A 29 -42.70 22.36 1.11
C LYS A 29 -43.40 23.32 0.16
N ILE A 30 -42.68 23.67 -0.88
CA ILE A 30 -43.14 24.58 -1.89
C ILE A 30 -42.80 23.99 -3.27
N ASP A 31 -43.77 24.05 -4.14
CA ASP A 31 -43.47 23.62 -5.53
C ASP A 31 -42.44 24.64 -5.99
N PRO A 32 -41.48 24.18 -6.80
CA PRO A 32 -40.57 25.12 -7.43
C PRO A 32 -41.22 26.05 -8.44
N SER A 33 -42.33 25.75 -9.09
CA SER A 33 -42.96 26.53 -10.10
C SER A 33 -44.40 26.03 -10.30
N PHE A 34 -45.25 26.78 -10.99
CA PHE A 34 -46.55 26.18 -11.26
C PHE A 34 -46.50 25.10 -12.28
N LEU A 35 -45.42 24.82 -12.97
CA LEU A 35 -45.35 23.75 -13.97
C LEU A 35 -44.65 22.55 -13.35
N ASN A 36 -44.20 22.73 -12.16
CA ASN A 36 -43.36 21.84 -11.40
C ASN A 36 -42.01 21.63 -12.06
N ILE A 37 -41.45 22.69 -12.63
CA ILE A 37 -40.11 22.61 -13.19
C ILE A 37 -39.29 23.72 -12.52
N ILE A 38 -38.00 23.71 -12.69
CA ILE A 38 -37.11 24.78 -12.30
C ILE A 38 -36.45 25.36 -13.55
N PRO A 39 -37.02 26.36 -14.18
CA PRO A 39 -36.44 26.93 -15.38
C PRO A 39 -34.98 27.36 -15.17
N ASP A 40 -34.10 27.18 -16.19
CA ASP A 40 -32.74 27.67 -16.04
C ASP A 40 -32.77 29.19 -15.94
N ASP A 41 -31.85 29.71 -15.14
CA ASP A 41 -31.79 31.21 -15.08
C ASP A 41 -31.27 31.75 -16.41
N ASP A 42 -31.28 33.04 -16.71
CA ASP A 42 -31.00 33.60 -17.98
C ASP A 42 -29.49 33.48 -18.32
N LEU A 43 -28.63 33.70 -17.36
CA LEU A 43 -27.21 33.57 -17.69
C LEU A 43 -26.89 32.07 -17.93
N THR A 44 -27.49 31.11 -17.26
CA THR A 44 -27.10 29.81 -17.71
C THR A 44 -27.60 29.34 -19.07
N LYS A 45 -28.81 29.66 -19.45
CA LYS A 45 -29.29 29.55 -20.79
C LYS A 45 -28.39 30.34 -21.79
N SER A 46 -27.97 31.55 -21.51
CA SER A 46 -27.11 32.20 -22.48
C SER A 46 -25.84 31.37 -22.75
N VAL A 47 -25.14 30.97 -21.66
CA VAL A 47 -23.94 30.23 -21.77
C VAL A 47 -24.14 28.88 -22.50
N GLN A 48 -25.25 28.20 -22.19
CA GLN A 48 -25.63 26.98 -22.86
C GLN A 48 -25.78 27.22 -24.38
N ASP A 49 -26.43 28.32 -24.80
CA ASP A 49 -26.57 28.66 -26.21
C ASP A 49 -25.25 29.05 -26.87
N TRP A 50 -24.43 29.85 -26.15
CA TRP A 50 -23.21 30.28 -26.71
C TRP A 50 -22.23 29.12 -26.91
N VAL A 51 -22.14 28.25 -25.94
CA VAL A 51 -21.19 27.17 -25.99
C VAL A 51 -21.62 26.18 -27.13
N TYR A 52 -22.87 25.91 -27.22
CA TYR A 52 -23.34 25.09 -28.31
C TYR A 52 -23.11 25.77 -29.69
N ALA A 53 -23.39 27.04 -29.84
CA ALA A 53 -23.17 27.64 -31.14
C ALA A 53 -21.71 27.60 -31.50
N THR A 54 -20.83 27.99 -30.57
CA THR A 54 -19.43 28.09 -30.87
C THR A 54 -18.85 26.68 -31.15
N ILE A 55 -19.25 25.61 -30.54
CA ILE A 55 -18.69 24.29 -30.81
C ILE A 55 -19.15 23.82 -32.22
N TYR A 56 -20.42 24.01 -32.45
CA TYR A 56 -21.08 23.69 -33.69
C TYR A 56 -20.48 24.56 -34.83
N SER A 57 -19.77 25.63 -34.53
CA SER A 57 -19.13 26.33 -35.64
C SER A 57 -17.69 25.83 -35.86
N ILE A 58 -17.16 24.97 -34.99
CA ILE A 58 -15.83 24.52 -35.32
C ILE A 58 -15.83 23.17 -36.01
N ALA A 59 -14.95 22.94 -36.95
CA ALA A 59 -14.90 21.70 -37.77
C ALA A 59 -14.75 20.47 -36.91
N PRO A 60 -15.63 19.48 -37.00
CA PRO A 60 -15.64 18.28 -36.21
C PRO A 60 -14.27 17.73 -35.94
N GLU A 61 -13.35 17.69 -36.89
CA GLU A 61 -12.02 17.16 -36.60
C GLU A 61 -11.24 18.07 -35.65
N LEU A 62 -11.70 19.33 -35.46
CA LEU A 62 -10.88 20.24 -34.65
C LEU A 62 -11.41 20.22 -33.21
N ARG A 63 -12.54 19.60 -32.92
CA ARG A 63 -13.29 19.75 -31.72
C ARG A 63 -12.59 19.11 -30.52
N SER A 64 -11.78 18.06 -30.70
CA SER A 64 -11.12 17.50 -29.50
C SER A 64 -9.95 18.33 -29.02
N PHE A 65 -9.62 19.48 -29.66
CA PHE A 65 -8.59 20.42 -29.32
C PHE A 65 -9.10 21.69 -28.61
N ILE A 66 -10.40 21.63 -28.32
CA ILE A 66 -11.13 22.63 -27.58
C ILE A 66 -10.74 22.66 -26.08
N GLU A 67 -10.47 23.96 -25.76
CA GLU A 67 -10.32 24.28 -24.32
C GLU A 67 -11.36 25.35 -23.93
N LEU A 68 -12.22 25.08 -22.98
CA LEU A 68 -13.26 25.88 -22.47
C LEU A 68 -12.89 26.26 -21.03
N GLU A 69 -12.58 27.51 -20.81
CA GLU A 69 -12.03 27.96 -19.56
C GLU A 69 -12.75 29.24 -19.08
N MET A 70 -12.82 29.44 -17.78
CA MET A 70 -13.24 30.66 -17.14
C MET A 70 -12.12 31.35 -16.37
N LYS A 71 -11.78 32.61 -16.74
CA LYS A 71 -10.65 33.27 -16.06
C LYS A 71 -11.12 34.55 -15.34
N PHE A 72 -10.62 34.82 -14.14
CA PHE A 72 -11.01 35.95 -13.37
C PHE A 72 -10.23 37.23 -13.65
N GLY A 73 -10.86 38.37 -13.58
CA GLY A 73 -9.99 39.63 -13.70
C GLY A 73 -10.97 40.79 -13.83
N VAL A 74 -10.72 41.90 -14.43
CA VAL A 74 -11.71 42.95 -14.44
C VAL A 74 -12.01 43.37 -15.85
N ILE A 75 -13.29 43.60 -16.18
CA ILE A 75 -13.59 44.03 -17.54
C ILE A 75 -13.33 45.54 -17.60
N ILE A 76 -12.56 45.99 -18.60
CA ILE A 76 -12.18 47.38 -18.87
C ILE A 76 -12.73 47.76 -20.21
N ASP A 77 -13.21 48.96 -20.39
CA ASP A 77 -13.75 49.26 -21.73
C ASP A 77 -12.63 49.84 -22.58
N ALA A 78 -12.96 50.08 -23.83
CA ALA A 78 -12.06 50.70 -24.79
C ALA A 78 -11.61 52.05 -24.29
N LYS A 79 -12.50 52.91 -23.76
CA LYS A 79 -12.05 54.23 -23.35
C LYS A 79 -12.25 54.56 -21.88
N GLY A 80 -11.17 54.28 -21.14
CA GLY A 80 -11.07 54.50 -19.69
C GLY A 80 -10.18 53.37 -19.18
N PRO A 81 -9.32 53.60 -18.22
CA PRO A 81 -8.55 52.55 -17.59
C PRO A 81 -9.35 51.78 -16.55
N ASP A 82 -10.51 52.17 -16.13
CA ASP A 82 -11.21 51.58 -15.02
C ASP A 82 -12.22 50.51 -15.37
N ARG A 83 -12.56 49.68 -14.42
CA ARG A 83 -13.57 48.65 -14.57
C ARG A 83 -14.88 49.19 -15.12
N VAL A 84 -15.51 48.57 -16.11
CA VAL A 84 -16.73 49.04 -16.73
C VAL A 84 -17.80 49.27 -15.65
N ASN A 85 -18.81 50.09 -15.89
CA ASN A 85 -19.79 50.35 -14.86
C ASN A 85 -21.16 50.60 -15.45
N PRO A 86 -21.64 49.64 -16.25
CA PRO A 86 -22.98 49.74 -16.85
C PRO A 86 -23.99 49.86 -15.70
N PRO A 87 -25.16 50.34 -16.03
CA PRO A 87 -26.23 50.55 -15.06
C PRO A 87 -26.94 49.30 -14.68
N VAL A 88 -26.27 48.24 -14.27
CA VAL A 88 -26.79 46.94 -13.85
C VAL A 88 -26.22 46.64 -12.55
N SER A 89 -26.85 45.72 -11.82
CA SER A 89 -26.44 45.39 -10.51
C SER A 89 -26.54 43.92 -10.17
N SER A 90 -26.59 43.09 -11.20
CA SER A 90 -26.43 41.64 -10.89
C SER A 90 -25.65 41.05 -12.08
N GLN A 91 -25.20 39.83 -12.03
CA GLN A 91 -24.27 39.34 -13.06
C GLN A 91 -24.90 39.18 -14.44
N CYS A 92 -24.16 39.57 -15.52
CA CYS A 92 -24.78 39.37 -16.83
C CYS A 92 -23.72 39.36 -17.91
N VAL A 93 -24.17 38.90 -19.06
CA VAL A 93 -23.22 38.81 -20.22
C VAL A 93 -23.04 40.17 -20.63
N PHE A 94 -21.83 40.90 -20.82
CA PHE A 94 -21.48 42.09 -21.02
C PHE A 94 -20.93 42.28 -22.50
N THR A 95 -21.59 43.11 -23.31
CA THR A 95 -21.39 43.10 -24.75
C THR A 95 -20.99 44.49 -25.18
N GLU A 96 -19.82 45.06 -24.97
CA GLU A 96 -19.47 46.43 -25.36
C GLU A 96 -18.27 46.27 -26.29
N LEU A 97 -18.40 46.80 -27.49
CA LEU A 97 -17.31 46.75 -28.44
C LEU A 97 -15.98 47.06 -27.78
N ASP A 98 -14.90 46.38 -28.12
CA ASP A 98 -13.59 46.60 -27.51
C ASP A 98 -13.54 46.45 -25.99
N ALA A 99 -14.49 45.88 -25.24
CA ALA A 99 -14.25 45.70 -23.81
C ALA A 99 -13.29 44.50 -23.66
N HIS A 100 -12.41 44.47 -22.68
CA HIS A 100 -11.45 43.35 -22.58
C HIS A 100 -11.22 43.02 -21.11
N LEU A 101 -10.80 41.82 -20.84
CA LEU A 101 -10.41 41.36 -19.54
C LEU A 101 -8.99 40.77 -19.62
N THR A 102 -8.07 41.19 -18.76
CA THR A 102 -6.77 40.51 -18.66
C THR A 102 -6.79 39.73 -17.34
N PRO A 103 -6.68 38.46 -17.34
CA PRO A 103 -6.75 37.61 -16.16
C PRO A 103 -5.70 38.02 -15.14
N ASN A 104 -6.10 38.40 -13.94
CA ASN A 104 -5.14 38.85 -12.98
C ASN A 104 -5.95 39.19 -11.73
N ILE A 105 -5.49 38.76 -10.58
CA ILE A 105 -6.23 38.89 -9.31
C ILE A 105 -5.17 39.35 -8.28
N ASP A 106 -5.53 40.12 -7.28
CA ASP A 106 -4.61 40.69 -6.29
C ASP A 106 -3.79 39.58 -5.67
N ALA A 107 -2.50 39.73 -5.48
CA ALA A 107 -1.61 38.74 -4.91
C ALA A 107 -2.02 38.18 -3.56
N SER A 108 -2.46 38.98 -2.65
CA SER A 108 -2.92 38.60 -1.35
C SER A 108 -4.17 37.77 -1.40
N LEU A 109 -5.13 38.16 -2.27
CA LEU A 109 -6.32 37.37 -2.44
C LEU A 109 -5.96 35.98 -2.96
N PHE A 110 -5.04 35.90 -3.86
CA PHE A 110 -4.64 34.66 -4.53
C PHE A 110 -4.06 33.67 -3.53
N LYS A 111 -3.23 34.25 -2.60
CA LYS A 111 -2.76 33.35 -1.53
C LYS A 111 -3.82 32.99 -0.55
N GLU A 112 -4.79 33.82 -0.16
CA GLU A 112 -5.86 33.28 0.71
C GLU A 112 -6.75 32.30 -0.07
N LEU A 113 -6.97 32.52 -1.38
CA LEU A 113 -7.88 31.56 -2.07
C LEU A 113 -7.16 30.23 -2.17
N SER A 114 -5.84 30.20 -2.37
CA SER A 114 -5.11 28.94 -2.47
C SER A 114 -5.19 28.06 -1.23
N LYS A 115 -5.07 28.72 -0.09
CA LYS A 115 -5.34 28.09 1.20
C LYS A 115 -6.77 27.63 1.27
N TYR A 116 -7.74 28.46 0.88
CA TYR A 116 -9.13 27.94 0.98
C TYR A 116 -9.18 26.67 0.16
N ILE A 117 -8.80 26.70 -1.14
CA ILE A 117 -9.01 25.50 -1.99
C ILE A 117 -8.24 24.27 -1.46
N ARG A 118 -7.06 24.43 -0.92
CA ARG A 118 -6.27 23.38 -0.30
C ARG A 118 -6.99 22.81 0.92
N GLY A 119 -7.64 23.74 1.69
CA GLY A 119 -8.43 23.31 2.83
C GLY A 119 -9.63 22.53 2.41
N ILE A 120 -10.40 22.93 1.42
CA ILE A 120 -11.52 22.19 0.85
C ILE A 120 -11.08 20.83 0.30
N SER A 121 -9.94 20.77 -0.39
CA SER A 121 -9.44 19.46 -0.82
C SER A 121 -9.04 18.52 0.32
N GLU A 122 -8.78 18.96 1.55
CA GLU A 122 -8.28 18.01 2.55
C GLU A 122 -9.32 17.60 3.55
N VAL A 123 -10.51 18.13 3.43
CA VAL A 123 -11.58 17.72 4.39
C VAL A 123 -11.79 16.23 4.14
N THR A 124 -11.86 15.42 5.21
CA THR A 124 -11.73 13.97 5.00
C THR A 124 -12.91 13.42 4.20
N GLU A 125 -14.07 14.03 4.31
CA GLU A 125 -15.22 13.65 3.51
C GLU A 125 -15.13 14.07 2.06
N ASN A 126 -14.17 14.87 1.61
CA ASN A 126 -14.09 15.10 0.16
C ASN A 126 -12.67 14.85 -0.33
N THR A 127 -11.93 14.09 0.46
CA THR A 127 -10.57 13.88 -0.05
C THR A 127 -10.47 12.93 -1.20
N GLY A 128 -11.38 12.05 -1.55
CA GLY A 128 -11.13 11.21 -2.73
C GLY A 128 -11.76 11.86 -3.95
N LYS A 129 -12.41 13.02 -3.78
CA LYS A 129 -12.83 13.83 -4.90
C LYS A 129 -11.84 14.73 -5.56
N PHE A 130 -10.82 15.25 -4.89
CA PHE A 130 -9.84 16.06 -5.59
C PHE A 130 -8.45 15.47 -5.77
N SER A 131 -7.78 15.82 -6.85
CA SER A 131 -6.34 15.47 -6.89
C SER A 131 -5.66 16.81 -7.17
N ILE A 132 -4.54 17.04 -6.50
CA ILE A 132 -3.67 18.18 -6.65
C ILE A 132 -2.44 17.91 -7.52
N ILE A 133 -2.18 18.67 -8.56
CA ILE A 133 -1.05 18.50 -9.46
C ILE A 133 -0.25 19.79 -9.43
N GLU A 134 0.99 19.88 -8.96
CA GLU A 134 1.81 21.06 -8.93
C GLU A 134 2.72 21.11 -10.13
N SER A 135 2.91 22.20 -10.87
CA SER A 135 3.79 22.18 -12.04
C SER A 135 4.39 23.52 -12.34
N GLN A 136 5.52 23.56 -13.02
CA GLN A 136 6.28 24.75 -13.31
C GLN A 136 6.75 24.56 -14.73
N THR A 137 6.30 25.43 -15.61
CA THR A 137 6.52 25.28 -17.03
C THR A 137 6.90 26.65 -17.57
N ARG A 138 7.57 26.70 -18.70
CA ARG A 138 8.02 27.90 -19.35
C ARG A 138 7.32 27.81 -20.71
N ASP A 139 6.48 28.73 -21.07
CA ASP A 139 5.87 28.64 -22.40
C ASP A 139 6.57 29.71 -23.26
N SER A 140 7.09 29.34 -24.40
CA SER A 140 7.75 30.29 -25.31
C SER A 140 7.00 30.31 -26.64
N VAL A 141 6.63 31.47 -27.05
CA VAL A 141 5.94 31.74 -28.31
C VAL A 141 6.91 32.08 -29.46
N TYR A 142 6.84 31.34 -30.57
CA TYR A 142 7.70 31.59 -31.72
C TYR A 142 6.81 32.00 -32.90
N ARG A 143 7.29 32.96 -33.68
CA ARG A 143 6.52 33.24 -34.92
C ARG A 143 7.19 32.47 -36.07
N VAL A 144 6.42 31.90 -36.98
CA VAL A 144 6.98 31.13 -38.08
C VAL A 144 7.37 32.05 -39.24
N GLY A 145 6.52 33.04 -39.48
CA GLY A 145 6.79 33.99 -40.58
C GLY A 145 7.95 34.91 -40.24
N PRO A 151 1.75 34.98 -40.76
CA PRO A 151 2.64 34.59 -39.64
C PRO A 151 1.86 33.99 -38.48
N ARG A 152 2.23 32.75 -38.20
CA ARG A 152 1.67 31.95 -37.14
C ARG A 152 2.58 32.00 -35.91
N PHE A 153 1.98 31.86 -34.74
CA PHE A 153 2.61 31.86 -33.43
C PHE A 153 2.51 30.47 -32.75
N LEU A 154 3.67 29.90 -32.64
CA LEU A 154 3.70 28.54 -32.04
C LEU A 154 4.20 28.61 -30.58
N ARG A 155 3.48 27.87 -29.74
CA ARG A 155 3.75 27.93 -28.32
C ARG A 155 4.41 26.57 -27.99
N MET A 156 5.61 26.71 -27.39
CA MET A 156 6.18 25.37 -26.96
C MET A 156 6.26 25.43 -25.45
N SER A 157 5.85 24.39 -24.80
CA SER A 157 5.83 24.36 -23.34
C SER A 157 6.92 23.47 -22.78
N THR A 158 7.73 23.85 -21.85
CA THR A 158 8.82 23.10 -21.28
C THR A 158 8.65 22.95 -19.78
N ASP A 159 8.74 21.71 -19.33
CA ASP A 159 8.65 21.45 -17.87
C ASP A 159 10.01 21.72 -17.25
N ILE A 160 10.01 22.38 -16.09
CA ILE A 160 11.18 22.97 -15.46
C ILE A 160 12.25 22.00 -14.97
N LYS A 161 11.75 20.84 -14.57
CA LYS A 161 12.61 19.86 -13.94
C LYS A 161 13.48 19.24 -15.03
N THR A 162 12.73 18.47 -15.80
CA THR A 162 13.32 17.67 -16.86
C THR A 162 13.25 18.40 -18.17
N GLY A 163 13.47 19.67 -18.38
CA GLY A 163 13.29 20.36 -19.62
C GLY A 163 12.86 19.69 -20.89
N ARG A 164 11.92 18.77 -20.83
CA ARG A 164 11.34 18.05 -21.92
C ARG A 164 10.16 18.96 -22.32
N VAL A 165 10.08 19.16 -23.61
CA VAL A 165 8.97 19.91 -24.18
C VAL A 165 7.67 19.14 -23.96
N GLY A 166 6.74 19.67 -23.17
CA GLY A 166 5.46 19.02 -22.99
C GLY A 166 4.63 19.15 -24.26
N GLN A 167 4.01 20.31 -24.43
CA GLN A 167 3.16 20.66 -25.55
C GLN A 167 3.81 21.54 -26.59
N PHE A 168 3.48 21.30 -27.88
CA PHE A 168 3.93 22.16 -28.96
C PHE A 168 2.72 22.56 -29.82
N ILE A 169 2.17 23.78 -29.69
CA ILE A 169 0.89 23.97 -30.36
C ILE A 169 0.70 25.35 -30.96
N GLU A 170 -0.37 25.38 -31.82
CA GLU A 170 -0.82 26.70 -32.24
C GLU A 170 -2.13 26.98 -31.50
N LYS A 171 -2.16 27.99 -30.68
CA LYS A 171 -3.36 28.35 -29.94
C LYS A 171 -4.21 29.29 -30.74
N ARG A 172 -5.43 29.07 -31.06
CA ARG A 172 -6.37 29.91 -31.76
C ARG A 172 -7.54 30.16 -30.81
N HIS A 173 -7.79 31.43 -30.57
CA HIS A 173 -8.88 32.06 -29.88
C HIS A 173 -10.13 31.94 -30.73
N VAL A 174 -11.21 31.31 -30.39
CA VAL A 174 -12.37 31.19 -31.27
C VAL A 174 -13.41 32.18 -30.74
N ALA A 175 -13.55 32.21 -29.38
CA ALA A 175 -14.64 33.18 -28.98
C ALA A 175 -14.46 33.45 -27.50
N GLN A 176 -15.16 34.43 -26.97
CA GLN A 176 -15.11 34.74 -25.57
C GLN A 176 -16.39 35.43 -25.08
N LEU A 177 -16.83 34.95 -23.88
CA LEU A 177 -17.92 35.79 -23.30
C LEU A 177 -17.38 36.53 -22.08
N LEU A 178 -17.78 37.77 -21.87
CA LEU A 178 -17.46 38.57 -20.70
C LEU A 178 -18.62 38.69 -19.76
N LEU A 179 -18.44 38.05 -18.57
CA LEU A 179 -19.51 38.18 -17.55
C LEU A 179 -19.28 39.30 -16.57
N TYR A 180 -19.97 40.39 -16.64
CA TYR A 180 -19.92 41.53 -15.74
C TYR A 180 -20.49 41.11 -14.42
N SER A 181 -19.74 41.23 -13.35
CA SER A 181 -20.20 40.71 -12.03
C SER A 181 -20.13 41.88 -11.05
N PRO A 182 -21.13 42.77 -11.00
CA PRO A 182 -21.06 43.97 -10.13
C PRO A 182 -21.15 43.66 -8.65
N LYS A 183 -21.53 42.49 -8.15
CA LYS A 183 -21.55 42.29 -6.71
C LYS A 183 -20.15 41.75 -6.31
N ASP A 184 -19.26 41.58 -7.29
CA ASP A 184 -18.08 40.75 -6.98
C ASP A 184 -16.87 41.59 -7.14
N SER A 185 -15.71 41.17 -6.64
CA SER A 185 -14.59 42.16 -6.91
C SER A 185 -13.98 41.84 -8.22
N TYR A 186 -14.24 40.65 -8.79
CA TYR A 186 -13.71 40.37 -10.14
C TYR A 186 -14.87 39.97 -11.06
N ASP A 187 -14.73 40.26 -12.30
CA ASP A 187 -15.47 39.67 -13.40
C ASP A 187 -14.78 38.38 -13.92
N VAL A 188 -15.46 37.72 -14.88
CA VAL A 188 -15.01 36.54 -15.48
C VAL A 188 -15.14 36.57 -17.01
N LYS A 189 -14.03 36.03 -17.55
CA LYS A 189 -14.15 35.78 -19.03
C LYS A 189 -14.22 34.27 -19.26
N ILE A 190 -15.19 33.91 -20.08
CA ILE A 190 -15.32 32.53 -20.52
C ILE A 190 -14.78 32.46 -21.94
N SER A 191 -13.74 31.64 -22.16
CA SER A 191 -13.14 31.50 -23.45
C SER A 191 -13.17 30.08 -24.04
N LEU A 192 -13.34 30.06 -25.35
CA LEU A 192 -13.29 28.79 -26.07
C LEU A 192 -12.15 28.96 -27.08
N ASN A 193 -11.05 28.30 -26.79
CA ASN A 193 -9.89 28.31 -27.64
C ASN A 193 -9.69 26.90 -28.27
N LEU A 194 -8.82 26.94 -29.30
CA LEU A 194 -8.36 25.68 -29.88
C LEU A 194 -6.88 25.46 -29.59
N GLU A 195 -6.43 24.33 -29.10
CA GLU A 195 -4.97 24.09 -28.91
C GLU A 195 -4.51 23.03 -29.89
N LEU A 196 -4.24 23.43 -31.11
CA LEU A 196 -3.94 22.58 -32.25
C LEU A 196 -2.49 22.16 -32.25
N PRO A 197 -2.23 20.89 -32.20
CA PRO A 197 -0.88 20.32 -32.17
C PRO A 197 -0.20 20.56 -33.49
N VAL A 198 1.02 21.07 -33.40
CA VAL A 198 1.80 21.34 -34.61
C VAL A 198 2.08 20.00 -35.30
N PRO A 199 2.04 20.05 -36.63
CA PRO A 199 2.09 18.91 -37.50
C PRO A 199 3.38 18.11 -37.63
N ASP A 200 4.20 18.48 -38.61
CA ASP A 200 5.40 17.77 -38.98
C ASP A 200 6.67 18.51 -38.60
N ASN A 201 6.51 19.78 -38.23
CA ASN A 201 7.58 20.62 -37.71
C ASN A 201 8.09 20.09 -36.37
N ASP A 202 9.34 19.66 -36.28
CA ASP A 202 9.83 19.12 -35.00
C ASP A 202 10.04 20.25 -34.00
N PRO A 203 9.65 19.99 -32.77
CA PRO A 203 9.84 20.94 -31.69
C PRO A 203 11.30 21.14 -31.37
N PRO A 204 11.99 20.27 -30.65
CA PRO A 204 13.38 20.46 -30.26
C PRO A 204 14.40 20.80 -31.32
N GLU A 205 14.25 20.26 -32.54
CA GLU A 205 15.22 20.50 -33.59
C GLU A 205 15.10 21.90 -34.18
N LYS A 206 13.89 22.28 -34.54
CA LYS A 206 13.70 23.57 -35.19
C LYS A 206 13.89 24.80 -34.32
N TYR A 207 13.35 24.88 -33.09
CA TYR A 207 13.35 26.17 -32.41
C TYR A 207 14.19 26.27 -31.15
N LYS A 208 15.03 25.30 -30.81
CA LYS A 208 16.00 25.47 -29.72
C LYS A 208 17.00 26.59 -30.07
N SER A 209 17.29 26.64 -31.37
CA SER A 209 18.13 27.64 -31.99
C SER A 209 17.62 29.07 -31.91
N GLN A 210 16.39 29.37 -32.37
CA GLN A 210 16.00 30.77 -32.38
C GLN A 210 15.27 31.30 -31.15
N SER A 211 15.14 32.63 -31.13
CA SER A 211 14.61 33.29 -29.93
C SER A 211 13.10 33.54 -30.01
N PRO A 212 12.41 33.14 -28.95
CA PRO A 212 10.97 33.30 -28.86
C PRO A 212 10.67 34.79 -28.87
N ILE A 213 9.46 35.19 -29.23
CA ILE A 213 9.10 36.59 -29.18
C ILE A 213 8.56 36.92 -27.80
N SER A 214 8.25 35.88 -27.02
CA SER A 214 7.73 36.05 -25.68
C SER A 214 7.86 34.73 -24.93
N GLU A 215 8.15 34.86 -23.64
CA GLU A 215 8.28 33.77 -22.71
C GLU A 215 7.43 34.01 -21.46
N ARG A 216 6.68 33.02 -20.98
CA ARG A 216 5.94 33.11 -19.76
C ARG A 216 6.42 31.96 -18.81
N THR A 217 6.80 32.24 -17.59
CA THR A 217 7.01 31.14 -16.64
C THR A 217 5.75 31.03 -15.78
N LYS A 218 5.28 29.82 -15.57
CA LYS A 218 4.07 29.54 -14.83
C LYS A 218 4.38 28.57 -13.69
N ASP A 219 4.03 28.99 -12.52
CA ASP A 219 4.10 28.10 -11.32
C ASP A 219 2.65 27.82 -10.92
N ARG A 220 2.21 26.58 -11.05
CA ARG A 220 0.81 26.26 -10.99
C ARG A 220 0.44 25.09 -10.12
N VAL A 221 -0.71 25.28 -9.40
CA VAL A 221 -1.27 24.18 -8.62
C VAL A 221 -2.71 23.98 -9.21
N SER A 222 -2.99 22.78 -9.61
CA SER A 222 -4.23 22.41 -10.23
C SER A 222 -4.97 21.49 -9.29
N TYR A 223 -6.28 21.76 -9.19
CA TYR A 223 -7.13 20.88 -8.34
C TYR A 223 -8.15 20.28 -9.32
N ILE A 224 -8.21 19.00 -9.55
CA ILE A 224 -8.97 18.27 -10.47
C ILE A 224 -10.13 17.69 -9.65
N HIS A 225 -11.34 18.00 -10.06
CA HIS A 225 -12.48 17.44 -9.38
C HIS A 225 -13.21 16.67 -10.47
N ASN A 226 -12.98 15.36 -10.52
CA ASN A 226 -13.54 14.55 -11.60
C ASN A 226 -15.07 14.51 -11.45
N ASP A 227 -15.68 14.58 -10.30
CA ASP A 227 -17.10 14.36 -10.16
C ASP A 227 -17.86 15.58 -10.71
N SER A 228 -17.28 16.73 -10.89
CA SER A 228 -17.94 17.87 -11.47
C SER A 228 -17.31 18.21 -12.83
N CYS A 229 -16.49 17.26 -13.36
CA CYS A 229 -15.76 17.47 -14.59
C CYS A 229 -15.01 18.76 -14.65
N THR A 230 -14.39 19.22 -13.61
CA THR A 230 -13.81 20.57 -13.58
C THR A 230 -12.36 20.45 -13.06
N ARG A 231 -11.59 21.39 -13.45
CA ARG A 231 -10.26 21.63 -12.89
C ARG A 231 -10.16 23.10 -12.48
N ILE A 232 -9.61 23.34 -11.31
CA ILE A 232 -9.26 24.71 -10.89
C ILE A 232 -7.76 24.93 -11.00
N ASP A 233 -7.29 25.95 -11.72
CA ASP A 233 -5.85 26.10 -11.90
C ASP A 233 -5.50 27.50 -11.30
N ILE A 234 -4.60 27.47 -10.33
CA ILE A 234 -4.14 28.66 -9.63
C ILE A 234 -2.65 28.85 -9.99
N THR A 235 -2.33 29.92 -10.67
CA THR A 235 -1.01 30.08 -11.22
C THR A 235 -0.39 31.44 -10.99
N LYS A 236 0.89 31.44 -10.65
CA LYS A 236 1.70 32.71 -10.61
C LYS A 236 2.54 32.87 -11.86
N VAL A 237 2.30 33.88 -12.72
CA VAL A 237 2.97 33.84 -14.03
C VAL A 237 3.90 35.03 -14.16
N GLU A 238 5.11 34.83 -14.69
CA GLU A 238 6.02 35.93 -14.89
C GLU A 238 6.08 36.12 -16.35
N ASN A 239 5.76 37.33 -16.74
CA ASN A 239 5.46 37.49 -18.21
C ASN A 239 6.66 38.28 -18.74
N HIS A 240 7.59 37.62 -19.45
CA HIS A 240 8.80 38.34 -19.85
C HIS A 240 8.61 38.90 -21.26
N SER A 249 10.24 41.71 -16.07
CA SER A 249 9.11 40.74 -16.15
C SER A 249 7.98 41.10 -15.19
N GLU A 250 6.81 41.14 -15.83
CA GLU A 250 5.51 41.45 -15.23
C GLU A 250 4.90 40.19 -14.62
N THR A 251 4.64 40.16 -13.33
CA THR A 251 3.97 39.11 -12.66
C THR A 251 2.45 39.16 -12.69
N THR A 252 1.74 38.11 -13.01
CA THR A 252 0.27 38.17 -12.83
C THR A 252 -0.04 37.00 -11.93
N HIS A 253 -1.15 37.03 -11.28
CA HIS A 253 -1.71 35.96 -10.51
C HIS A 253 -3.04 35.57 -11.19
N GLU A 254 -3.15 34.36 -11.72
CA GLU A 254 -4.26 33.92 -12.48
C GLU A 254 -4.98 32.77 -11.82
N VAL A 255 -6.32 32.85 -11.94
CA VAL A 255 -7.18 31.78 -11.37
C VAL A 255 -8.08 31.27 -12.49
N GLU A 256 -8.08 30.01 -12.88
CA GLU A 256 -8.84 29.58 -14.04
C GLU A 256 -9.65 28.34 -13.66
N LEU A 257 -10.83 28.19 -14.26
CA LEU A 257 -11.55 26.96 -14.10
C LEU A 257 -11.70 26.38 -15.54
N GLU A 258 -11.45 25.10 -15.71
CA GLU A 258 -11.49 24.58 -17.06
C GLU A 258 -12.40 23.34 -16.99
N ILE A 259 -13.25 23.15 -17.93
CA ILE A 259 -14.12 21.98 -18.04
C ILE A 259 -13.34 20.87 -18.77
N ASN A 260 -13.67 19.63 -18.42
CA ASN A 260 -12.97 18.52 -19.14
C ASN A 260 -13.48 18.40 -20.57
N THR A 261 -12.68 18.64 -21.61
CA THR A 261 -13.05 18.53 -22.99
C THR A 261 -13.80 17.27 -23.37
N PRO A 262 -13.24 16.07 -23.14
CA PRO A 262 -13.93 14.83 -23.36
C PRO A 262 -15.40 14.93 -22.97
N ALA A 263 -15.65 15.15 -21.67
CA ALA A 263 -17.00 15.20 -21.14
C ALA A 263 -17.78 16.29 -21.94
N LEU A 264 -17.22 17.42 -22.24
CA LEU A 264 -17.93 18.44 -23.01
C LEU A 264 -18.35 17.90 -24.40
N LEU A 265 -17.42 17.21 -25.10
CA LEU A 265 -17.71 16.74 -26.44
C LEU A 265 -18.72 15.60 -26.44
N ASN A 266 -18.68 14.79 -25.40
CA ASN A 266 -19.69 13.75 -25.28
C ASN A 266 -21.05 14.30 -24.96
N ALA A 267 -21.13 15.37 -24.12
CA ALA A 267 -22.40 15.95 -23.84
C ALA A 267 -22.93 16.62 -25.11
N PHE A 268 -22.16 17.45 -25.73
CA PHE A 268 -22.55 18.08 -27.01
C PHE A 268 -22.96 17.05 -28.09
N ASP A 269 -22.24 15.99 -28.40
CA ASP A 269 -22.70 14.92 -29.24
C ASP A 269 -24.05 14.36 -28.77
N ASN A 270 -24.40 14.18 -27.51
CA ASN A 270 -25.72 13.73 -27.09
C ASN A 270 -26.81 14.76 -26.97
N ILE A 271 -26.72 15.94 -27.52
CA ILE A 271 -27.69 17.00 -27.24
C ILE A 271 -29.04 16.75 -27.89
N THR A 272 -29.08 16.13 -29.06
CA THR A 272 -30.42 15.79 -29.60
C THR A 272 -31.07 14.66 -28.82
N ASN A 273 -30.34 13.58 -28.72
CA ASN A 273 -30.73 12.42 -27.93
C ASN A 273 -31.12 12.70 -26.50
N ASP A 274 -30.36 13.44 -25.72
CA ASP A 274 -30.55 13.62 -24.28
C ASP A 274 -29.78 14.86 -23.81
N SER A 275 -30.38 16.02 -23.98
CA SER A 275 -30.00 17.31 -23.55
C SER A 275 -29.55 17.43 -22.09
N LYS A 276 -30.06 16.63 -21.17
CA LYS A 276 -29.82 16.76 -19.76
C LYS A 276 -28.32 16.67 -19.39
N GLU A 277 -27.49 15.89 -20.05
CA GLU A 277 -26.07 15.80 -19.69
C GLU A 277 -25.35 17.11 -20.05
N TYR A 278 -25.67 17.68 -21.21
CA TYR A 278 -25.09 18.91 -21.69
C TYR A 278 -25.49 20.04 -20.76
N ALA A 279 -26.75 20.07 -20.40
CA ALA A 279 -27.31 21.14 -19.56
C ALA A 279 -26.77 21.04 -18.14
N SER A 280 -26.60 19.86 -17.51
CA SER A 280 -26.02 20.02 -16.16
C SER A 280 -24.50 20.04 -16.14
N LEU A 281 -23.83 19.87 -17.30
CA LEU A 281 -22.38 20.06 -17.28
C LEU A 281 -22.18 21.55 -17.22
N ILE A 282 -22.95 22.29 -18.05
CA ILE A 282 -22.87 23.74 -18.10
C ILE A 282 -23.21 24.32 -16.72
N ARG A 283 -24.35 23.99 -16.17
CA ARG A 283 -24.81 24.37 -14.85
C ARG A 283 -23.68 24.14 -13.79
N THR A 284 -23.07 22.97 -13.83
CA THR A 284 -22.04 22.83 -12.80
C THR A 284 -20.86 23.75 -13.02
N PHE A 285 -20.39 23.84 -14.24
CA PHE A 285 -19.25 24.73 -14.54
C PHE A 285 -19.53 26.10 -13.99
N LEU A 286 -20.70 26.72 -14.36
CA LEU A 286 -21.07 28.00 -13.77
C LEU A 286 -21.18 28.02 -12.22
N ASN A 287 -21.76 27.00 -11.60
CA ASN A 287 -21.87 26.84 -10.16
C ASN A 287 -20.44 26.81 -9.55
N ASN A 288 -19.48 26.11 -10.17
CA ASN A 288 -18.11 26.13 -9.64
C ASN A 288 -17.50 27.51 -9.74
N GLY A 289 -17.78 28.17 -10.87
CA GLY A 289 -17.32 29.50 -11.15
C GLY A 289 -17.75 30.53 -10.09
N THR A 290 -19.03 30.42 -9.82
CA THR A 290 -19.69 31.25 -8.83
C THR A 290 -19.10 31.02 -7.43
N ILE A 291 -18.93 29.71 -7.04
CA ILE A 291 -18.26 29.55 -5.73
C ILE A 291 -16.95 30.30 -5.68
N ILE A 292 -16.07 30.26 -6.70
CA ILE A 292 -14.77 30.86 -6.66
C ILE A 292 -14.94 32.35 -6.64
N ARG A 293 -15.85 32.81 -7.52
CA ARG A 293 -16.05 34.27 -7.57
C ARG A 293 -16.44 34.88 -6.19
N ARG A 294 -17.37 34.35 -5.51
CA ARG A 294 -17.95 34.69 -4.26
C ARG A 294 -16.85 34.54 -3.19
N LYS A 295 -16.13 33.44 -3.21
CA LYS A 295 -15.03 33.35 -2.20
C LYS A 295 -14.00 34.44 -2.39
N LEU A 296 -13.57 34.72 -3.61
CA LEU A 296 -12.71 35.90 -3.85
C LEU A 296 -13.29 37.24 -3.41
N SER A 297 -14.62 37.46 -3.49
CA SER A 297 -15.24 38.68 -3.06
C SER A 297 -15.36 38.72 -1.55
N SER A 298 -15.53 37.58 -0.88
CA SER A 298 -15.69 37.63 0.57
C SER A 298 -14.31 37.77 1.19
N LEU A 299 -13.25 37.38 0.50
CA LEU A 299 -11.91 37.51 1.05
C LEU A 299 -11.51 38.97 0.92
N SER A 300 -12.14 39.76 0.09
CA SER A 300 -11.79 41.12 -0.22
C SER A 300 -12.48 42.07 0.75
N TYR A 301 -12.57 41.77 2.03
CA TYR A 301 -13.20 42.57 3.05
C TYR A 301 -12.77 42.20 4.46
N HIS B 1 16.92 -24.25 -15.51
CA HIS B 1 15.95 -23.22 -14.99
C HIS B 1 16.06 -21.95 -15.82
N MET B 2 17.24 -21.59 -16.30
CA MET B 2 17.32 -20.48 -17.21
C MET B 2 16.78 -20.84 -18.61
N TYR B 3 16.96 -22.05 -19.10
CA TYR B 3 16.55 -22.35 -20.48
C TYR B 3 15.37 -23.29 -20.62
N ARG B 4 14.73 -23.57 -19.51
CA ARG B 4 13.45 -24.24 -19.59
C ARG B 4 12.35 -23.71 -18.66
N ASN B 5 11.17 -24.28 -18.84
CA ASN B 5 10.06 -23.94 -17.98
C ASN B 5 9.24 -25.22 -17.75
N VAL B 6 8.76 -25.37 -16.55
CA VAL B 6 8.04 -26.52 -16.12
C VAL B 6 6.82 -26.06 -15.32
N PRO B 7 5.69 -26.72 -15.56
CA PRO B 7 4.43 -26.34 -14.88
C PRO B 7 4.63 -26.45 -13.38
N ILE B 8 4.02 -25.68 -12.51
CA ILE B 8 4.24 -25.85 -11.06
C ILE B 8 3.94 -27.21 -10.51
N TRP B 9 2.91 -27.90 -11.08
CA TRP B 9 2.68 -29.22 -10.43
C TRP B 9 3.72 -30.23 -10.76
N ALA B 10 4.56 -30.01 -11.75
CA ALA B 10 5.59 -30.95 -12.13
C ALA B 10 6.93 -30.49 -11.59
N GLN B 11 7.14 -29.33 -10.89
CA GLN B 11 8.51 -28.95 -10.61
C GLN B 11 9.07 -29.79 -9.50
N LYS B 12 10.27 -30.28 -9.53
CA LYS B 12 10.70 -31.25 -8.49
C LYS B 12 11.80 -30.60 -7.67
N TRP B 13 12.79 -30.02 -8.25
CA TRP B 13 13.75 -29.31 -7.39
C TRP B 13 13.24 -27.92 -6.94
N LYS B 14 13.39 -27.71 -5.64
CA LYS B 14 13.27 -26.42 -5.02
C LYS B 14 14.73 -26.10 -4.68
N PRO B 15 15.25 -25.01 -5.18
CA PRO B 15 16.64 -24.68 -4.85
C PRO B 15 16.66 -24.31 -3.38
N THR B 16 17.75 -24.62 -2.70
CA THR B 16 17.89 -24.19 -1.31
C THR B 16 18.28 -22.70 -1.24
N ILE B 17 17.50 -21.93 -0.51
CA ILE B 17 17.82 -20.50 -0.30
C ILE B 17 18.37 -20.37 1.11
N LYS B 18 19.69 -20.17 1.32
CA LYS B 18 20.13 -20.28 2.73
C LYS B 18 19.87 -19.02 3.56
N ALA B 19 19.69 -19.29 4.84
CA ALA B 19 19.38 -18.20 5.78
C ALA B 19 20.48 -17.17 5.81
N LEU B 20 20.26 -15.94 6.23
CA LEU B 20 21.35 -15.00 6.42
C LEU B 20 22.35 -15.48 7.51
N GLN B 21 23.62 -15.52 7.15
CA GLN B 21 24.66 -15.85 8.12
C GLN B 21 24.79 -14.74 9.13
N SER B 22 25.15 -15.01 10.38
CA SER B 22 25.31 -13.90 11.34
C SER B 22 26.29 -12.88 10.74
N ILE B 23 25.72 -11.77 10.23
CA ILE B 23 26.49 -10.74 9.57
C ILE B 23 27.76 -10.38 10.35
N ASN B 24 28.70 -9.72 9.67
CA ASN B 24 29.97 -9.32 10.26
C ASN B 24 29.92 -8.05 11.09
N VAL B 25 28.77 -7.75 11.70
CA VAL B 25 28.60 -6.56 12.52
C VAL B 25 29.24 -6.80 13.89
N LYS B 26 29.47 -5.70 14.59
CA LYS B 26 30.05 -5.73 15.94
C LYS B 26 29.63 -6.99 16.67
N ASP B 27 30.57 -7.77 17.21
CA ASP B 27 30.13 -8.99 17.88
C ASP B 27 28.84 -8.65 18.64
N LEU B 28 27.71 -9.22 18.22
CA LEU B 28 26.44 -8.85 18.88
C LEU B 28 26.41 -9.33 20.31
N LYS B 29 25.31 -9.07 21.00
CA LYS B 29 25.28 -9.47 22.41
C LYS B 29 24.65 -10.82 22.60
N ILE B 30 23.94 -11.37 21.63
CA ILE B 30 23.30 -12.67 21.70
C ILE B 30 23.47 -13.27 20.29
N ASP B 31 23.74 -14.56 20.17
CA ASP B 31 23.73 -15.31 18.96
C ASP B 31 22.26 -15.32 18.43
N PRO B 32 22.09 -15.18 17.11
CA PRO B 32 20.82 -15.16 16.46
C PRO B 32 20.10 -16.50 16.57
N SER B 33 20.82 -17.57 16.66
CA SER B 33 20.26 -18.91 16.83
C SER B 33 21.41 -19.86 17.26
N PHE B 34 21.07 -21.08 17.55
CA PHE B 34 22.06 -22.06 17.93
C PHE B 34 22.87 -22.47 16.71
N LEU B 35 22.59 -22.08 15.52
CA LEU B 35 23.34 -22.53 14.36
C LEU B 35 24.03 -21.28 13.83
N ASN B 36 23.82 -20.16 14.48
CA ASN B 36 24.36 -18.86 14.17
C ASN B 36 23.92 -18.47 12.76
N ILE B 37 22.64 -18.77 12.48
CA ILE B 37 22.07 -18.32 11.21
C ILE B 37 20.78 -17.65 11.64
N ILE B 38 20.17 -16.91 10.75
CA ILE B 38 18.89 -16.25 10.95
C ILE B 38 17.93 -16.85 9.91
N PRO B 39 17.16 -17.86 10.26
CA PRO B 39 16.32 -18.52 9.28
C PRO B 39 15.30 -17.55 8.67
N ASP B 40 14.81 -17.79 7.43
CA ASP B 40 13.79 -16.80 6.99
C ASP B 40 12.46 -17.11 7.65
N ASP B 41 11.72 -16.02 7.91
CA ASP B 41 10.38 -16.24 8.52
C ASP B 41 9.52 -17.01 7.49
N ASP B 42 8.41 -17.52 7.98
CA ASP B 42 7.58 -18.40 7.13
C ASP B 42 6.95 -17.70 5.95
N LEU B 43 6.58 -16.45 6.12
CA LEU B 43 5.99 -15.68 5.05
C LEU B 43 6.99 -15.33 3.94
N THR B 44 8.21 -15.03 4.28
CA THR B 44 9.27 -14.86 3.29
C THR B 44 9.66 -16.09 2.51
N LYS B 45 9.77 -17.22 3.19
CA LYS B 45 10.08 -18.50 2.58
C LYS B 45 8.91 -18.82 1.61
N SER B 46 7.68 -18.55 2.08
CA SER B 46 6.61 -18.83 1.14
C SER B 46 6.74 -18.03 -0.13
N VAL B 47 6.88 -16.72 0.04
CA VAL B 47 6.93 -15.82 -1.14
C VAL B 47 8.12 -16.18 -2.03
N GLN B 48 9.27 -16.53 -1.42
CA GLN B 48 10.42 -16.98 -2.22
C GLN B 48 10.08 -18.21 -3.08
N ASP B 49 9.51 -19.25 -2.58
CA ASP B 49 9.04 -20.46 -3.16
C ASP B 49 7.93 -20.21 -4.20
N TRP B 50 7.06 -19.23 -3.98
CA TRP B 50 5.93 -19.01 -4.92
C TRP B 50 6.43 -18.21 -6.14
N VAL B 51 7.37 -17.27 -5.89
CA VAL B 51 7.89 -16.46 -6.97
C VAL B 51 8.78 -17.37 -7.86
N TYR B 52 9.69 -18.14 -7.31
CA TYR B 52 10.54 -19.01 -8.12
C TYR B 52 9.72 -20.07 -8.87
N ALA B 53 8.73 -20.67 -8.29
CA ALA B 53 7.93 -21.63 -8.97
C ALA B 53 7.20 -20.94 -10.11
N THR B 54 6.59 -19.80 -9.89
CA THR B 54 5.87 -19.06 -10.88
C THR B 54 6.79 -18.62 -12.02
N ILE B 55 8.02 -18.13 -11.75
CA ILE B 55 8.81 -17.64 -12.87
C ILE B 55 9.33 -18.85 -13.67
N TYR B 56 9.60 -19.95 -13.02
CA TYR B 56 10.04 -21.20 -13.54
C TYR B 56 8.90 -21.86 -14.42
N SER B 57 7.63 -21.55 -14.17
CA SER B 57 6.62 -22.08 -15.08
C SER B 57 6.54 -21.22 -16.36
N ILE B 58 7.01 -19.99 -16.43
CA ILE B 58 6.88 -19.15 -17.60
C ILE B 58 8.00 -19.41 -18.60
N ALA B 59 7.65 -19.60 -19.86
CA ALA B 59 8.63 -19.80 -20.95
C ALA B 59 9.73 -18.75 -20.87
N PRO B 60 10.99 -19.17 -20.89
CA PRO B 60 12.11 -18.26 -20.83
C PRO B 60 12.01 -17.10 -21.78
N GLU B 61 11.50 -17.15 -23.01
CA GLU B 61 11.40 -15.97 -23.85
C GLU B 61 10.36 -14.97 -23.34
N LEU B 62 9.46 -15.28 -22.44
CA LEU B 62 8.44 -14.38 -21.97
C LEU B 62 8.83 -13.79 -20.62
N ARG B 63 9.90 -14.25 -20.04
CA ARG B 63 10.25 -13.86 -18.72
C ARG B 63 10.63 -12.39 -18.60
N SER B 64 11.15 -11.69 -19.61
CA SER B 64 11.46 -10.29 -19.50
C SER B 64 10.18 -9.44 -19.51
N PHE B 65 9.01 -9.99 -19.71
CA PHE B 65 7.78 -9.22 -19.70
C PHE B 65 7.03 -9.29 -18.36
N ILE B 66 7.64 -10.02 -17.45
CA ILE B 66 7.07 -10.18 -16.12
C ILE B 66 7.05 -8.84 -15.41
N GLU B 67 5.93 -8.66 -14.75
CA GLU B 67 5.80 -7.64 -13.68
C GLU B 67 5.36 -8.31 -12.38
N LEU B 68 6.03 -8.09 -11.30
CA LEU B 68 5.86 -8.60 -9.96
C LEU B 68 5.52 -7.36 -9.10
N GLU B 69 4.27 -7.30 -8.65
CA GLU B 69 3.78 -6.14 -7.93
C GLU B 69 2.87 -6.54 -6.73
N MET B 70 2.94 -5.75 -5.69
CA MET B 70 2.18 -5.79 -4.44
C MET B 70 1.17 -4.64 -4.38
N LYS B 71 -0.09 -4.93 -4.27
CA LYS B 71 -1.17 -3.98 -4.29
C LYS B 71 -1.94 -4.06 -2.98
N PHE B 72 -2.45 -2.92 -2.48
CA PHE B 72 -3.13 -2.90 -1.21
C PHE B 72 -4.62 -2.82 -1.41
N GLY B 73 -5.31 -3.55 -0.54
CA GLY B 73 -6.76 -3.49 -0.57
C GLY B 73 -7.25 -4.36 0.54
N VAL B 74 -8.51 -4.84 0.41
CA VAL B 74 -9.05 -5.71 1.42
C VAL B 74 -9.47 -7.02 0.73
N ILE B 75 -9.23 -8.11 1.42
CA ILE B 75 -9.52 -9.41 0.96
C ILE B 75 -11.00 -9.72 1.29
N ILE B 76 -11.77 -10.07 0.25
CA ILE B 76 -13.21 -10.33 0.43
C ILE B 76 -13.40 -11.77 -0.01
N ASP B 77 -14.31 -12.48 0.64
CA ASP B 77 -14.47 -13.90 0.32
C ASP B 77 -15.70 -13.91 -0.58
N ALA B 78 -15.82 -15.03 -1.27
CA ALA B 78 -16.93 -15.30 -2.17
C ALA B 78 -18.23 -14.97 -1.43
N LYS B 79 -18.51 -15.47 -0.22
CA LYS B 79 -19.84 -15.05 0.26
C LYS B 79 -19.79 -14.28 1.57
N GLY B 80 -19.97 -12.99 1.36
CA GLY B 80 -20.06 -11.91 2.33
C GLY B 80 -19.38 -10.70 1.68
N PRO B 81 -19.88 -9.49 1.88
CA PRO B 81 -19.26 -8.30 1.38
C PRO B 81 -18.08 -7.77 2.20
N ASP B 82 -17.83 -8.30 3.39
CA ASP B 82 -16.92 -7.73 4.35
C ASP B 82 -15.55 -8.40 4.29
N ARG B 83 -14.53 -7.77 4.72
CA ARG B 83 -13.18 -8.25 4.80
C ARG B 83 -13.16 -9.65 5.46
N VAL B 84 -12.52 -10.63 4.93
CA VAL B 84 -12.48 -11.96 5.53
C VAL B 84 -12.07 -11.82 7.03
N ASN B 85 -12.28 -12.82 7.81
CA ASN B 85 -11.94 -12.87 9.23
C ASN B 85 -11.68 -14.30 9.72
N PRO B 86 -10.71 -14.95 9.12
CA PRO B 86 -10.31 -16.30 9.49
C PRO B 86 -9.72 -16.21 10.95
N PRO B 87 -9.61 -17.25 11.68
CA PRO B 87 -9.18 -17.22 13.06
C PRO B 87 -7.65 -17.11 13.12
N VAL B 88 -7.03 -16.09 12.73
CA VAL B 88 -5.62 -15.86 12.83
C VAL B 88 -5.35 -14.39 13.11
N SER B 89 -4.18 -14.12 13.72
CA SER B 89 -3.95 -12.81 14.19
C SER B 89 -2.56 -12.31 13.79
N SER B 90 -1.92 -12.88 12.83
CA SER B 90 -0.73 -12.19 12.29
C SER B 90 -0.71 -12.50 10.78
N GLN B 91 0.04 -11.80 10.03
CA GLN B 91 0.04 -11.88 8.58
C GLN B 91 0.31 -13.29 8.05
N CYS B 92 -0.38 -13.72 7.03
CA CYS B 92 -0.15 -15.02 6.43
C CYS B 92 -0.72 -15.13 5.01
N VAL B 93 -0.27 -16.12 4.26
CA VAL B 93 -0.83 -16.33 2.93
C VAL B 93 -2.22 -16.82 3.09
N PHE B 94 -3.21 -16.31 2.41
CA PHE B 94 -4.62 -16.65 2.61
C PHE B 94 -5.12 -17.39 1.38
N THR B 95 -5.74 -18.56 1.55
CA THR B 95 -5.99 -19.44 0.38
C THR B 95 -7.43 -19.98 0.44
N GLU B 96 -8.38 -19.30 0.08
CA GLU B 96 -9.81 -19.60 0.17
C GLU B 96 -10.30 -19.35 -1.25
N LEU B 97 -10.84 -20.42 -1.77
CA LEU B 97 -11.48 -20.47 -3.05
C LEU B 97 -12.20 -19.16 -3.35
N ASP B 98 -12.10 -18.58 -4.55
CA ASP B 98 -12.89 -17.32 -4.70
C ASP B 98 -12.55 -16.17 -3.75
N ALA B 99 -11.46 -16.11 -2.93
CA ALA B 99 -11.26 -14.85 -2.20
C ALA B 99 -10.72 -13.83 -3.21
N HIS B 100 -11.03 -12.58 -3.07
CA HIS B 100 -10.43 -11.67 -4.07
C HIS B 100 -10.00 -10.41 -3.35
N LEU B 101 -9.21 -9.59 -4.05
CA LEU B 101 -8.87 -8.29 -3.53
C LEU B 101 -8.94 -7.26 -4.66
N THR B 102 -9.66 -6.20 -4.49
CA THR B 102 -9.64 -5.04 -5.41
C THR B 102 -8.76 -3.89 -4.90
N PRO B 103 -7.73 -3.50 -5.61
CA PRO B 103 -6.79 -2.53 -5.08
C PRO B 103 -7.57 -1.23 -4.84
N ASN B 104 -7.54 -0.74 -3.63
CA ASN B 104 -8.22 0.46 -3.27
C ASN B 104 -7.95 0.77 -1.82
N ILE B 105 -7.57 1.97 -1.53
CA ILE B 105 -7.42 2.41 -0.14
C ILE B 105 -8.18 3.72 0.08
N ASP B 106 -8.47 4.06 1.31
CA ASP B 106 -9.17 5.30 1.72
C ASP B 106 -8.41 6.52 1.20
N ALA B 107 -9.10 7.48 0.59
CA ALA B 107 -8.51 8.65 0.00
C ALA B 107 -7.71 9.51 0.98
N SER B 108 -8.15 9.68 2.19
CA SER B 108 -7.41 10.42 3.20
C SER B 108 -6.08 9.78 3.54
N LEU B 109 -6.10 8.43 3.66
CA LEU B 109 -4.91 7.65 3.91
C LEU B 109 -3.85 7.75 2.76
N PHE B 110 -4.32 7.72 1.53
CA PHE B 110 -3.60 7.91 0.29
C PHE B 110 -2.87 9.25 0.25
N LYS B 111 -3.58 10.33 0.58
CA LYS B 111 -3.02 11.64 0.68
C LYS B 111 -1.95 11.69 1.79
N GLU B 112 -2.17 11.14 2.95
CA GLU B 112 -1.12 11.20 3.96
C GLU B 112 0.05 10.31 3.59
N LEU B 113 -0.19 9.18 2.90
CA LEU B 113 0.90 8.30 2.57
C LEU B 113 1.83 8.96 1.58
N SER B 114 1.25 9.61 0.58
CA SER B 114 1.95 10.34 -0.45
C SER B 114 2.80 11.50 0.14
N LYS B 115 2.25 12.20 1.14
CA LYS B 115 3.05 13.23 1.83
C LYS B 115 4.23 12.59 2.60
N TYR B 116 3.99 11.46 3.21
CA TYR B 116 5.07 10.80 3.93
C TYR B 116 6.16 10.40 2.92
N ILE B 117 5.82 9.78 1.77
CA ILE B 117 6.86 9.31 0.88
C ILE B 117 7.61 10.49 0.26
N ARG B 118 6.91 11.56 -0.08
CA ARG B 118 7.55 12.78 -0.58
C ARG B 118 8.49 13.29 0.51
N GLY B 119 8.04 13.40 1.77
CA GLY B 119 8.92 13.76 2.86
C GLY B 119 10.17 12.88 2.93
N ILE B 120 10.08 11.54 2.85
CA ILE B 120 11.26 10.68 2.91
C ILE B 120 12.16 11.02 1.71
N SER B 121 11.63 11.24 0.49
CA SER B 121 12.49 11.44 -0.65
C SER B 121 13.23 12.76 -0.48
N GLU B 122 12.72 13.73 0.27
CA GLU B 122 13.33 15.02 0.43
C GLU B 122 14.30 15.11 1.59
N VAL B 123 14.41 14.16 2.49
CA VAL B 123 15.46 14.29 3.52
C VAL B 123 16.83 14.34 2.81
N THR B 124 17.75 15.19 3.25
CA THR B 124 18.99 15.39 2.50
C THR B 124 19.88 14.13 2.51
N GLU B 125 19.91 13.40 3.60
CA GLU B 125 20.62 12.12 3.60
C GLU B 125 20.05 11.10 2.61
N ASN B 126 18.87 11.20 1.99
CA ASN B 126 18.56 10.26 0.94
C ASN B 126 18.13 10.99 -0.31
N THR B 127 18.73 12.16 -0.47
CA THR B 127 18.63 12.94 -1.70
C THR B 127 18.78 12.15 -2.99
N GLY B 128 19.93 11.50 -3.21
CA GLY B 128 19.84 10.90 -4.60
C GLY B 128 19.20 9.52 -4.68
N LYS B 129 18.67 8.91 -3.61
CA LYS B 129 18.20 7.56 -3.59
C LYS B 129 16.84 7.43 -4.31
N PHE B 130 16.01 8.46 -4.37
CA PHE B 130 14.76 8.38 -5.11
C PHE B 130 14.73 9.22 -6.38
N SER B 131 14.07 8.70 -7.36
CA SER B 131 13.66 9.46 -8.54
C SER B 131 12.13 9.54 -8.51
N ILE B 132 11.56 10.69 -8.77
CA ILE B 132 10.14 10.96 -8.73
C ILE B 132 9.63 11.14 -10.16
N ILE B 133 8.66 10.39 -10.66
CA ILE B 133 8.08 10.61 -11.97
C ILE B 133 6.58 10.81 -11.83
N GLU B 134 5.99 11.86 -12.32
CA GLU B 134 4.58 12.16 -12.23
C GLU B 134 3.94 11.99 -13.59
N SER B 135 2.84 11.28 -13.76
CA SER B 135 2.30 11.04 -15.06
C SER B 135 0.78 11.05 -15.08
N GLN B 136 0.23 11.44 -16.21
CA GLN B 136 -1.22 11.37 -16.41
C GLN B 136 -1.50 10.63 -17.69
N THR B 137 -2.11 9.46 -17.62
CA THR B 137 -2.21 8.60 -18.79
C THR B 137 -3.67 8.12 -18.87
N ARG B 138 -4.06 7.69 -20.04
CA ARG B 138 -5.36 7.09 -20.24
C ARG B 138 -5.14 5.66 -20.77
N ASP B 139 -5.68 4.65 -20.12
CA ASP B 139 -5.47 3.27 -20.56
C ASP B 139 -6.76 2.74 -21.18
N SER B 140 -6.72 2.43 -22.45
CA SER B 140 -7.98 1.92 -23.04
C SER B 140 -7.72 0.52 -23.62
N VAL B 141 -8.70 -0.27 -23.26
CA VAL B 141 -8.75 -1.70 -23.51
C VAL B 141 -9.63 -1.97 -24.73
N TYR B 142 -9.11 -2.62 -25.74
CA TYR B 142 -9.79 -3.06 -26.94
C TYR B 142 -9.92 -4.59 -27.02
N ARG B 143 -11.06 -5.12 -27.42
CA ARG B 143 -11.21 -6.54 -27.67
C ARG B 143 -10.84 -6.77 -29.14
N VAL B 144 -10.23 -7.90 -29.46
CA VAL B 144 -9.92 -8.16 -30.87
C VAL B 144 -11.03 -8.96 -31.55
N GLY B 145 -11.56 -9.94 -30.79
CA GLY B 145 -12.64 -10.78 -31.31
C GLY B 145 -13.96 -10.02 -31.29
N PRO B 151 -11.36 -14.32 -27.83
CA PRO B 151 -11.27 -12.83 -27.83
C PRO B 151 -10.14 -12.34 -26.93
N ARG B 152 -9.25 -11.53 -27.46
CA ARG B 152 -8.15 -10.95 -26.75
C ARG B 152 -8.40 -9.47 -26.45
N PHE B 153 -7.80 -9.00 -25.36
CA PHE B 153 -7.94 -7.63 -24.91
C PHE B 153 -6.57 -6.92 -24.94
N LEU B 154 -6.50 -5.94 -25.79
CA LEU B 154 -5.26 -5.15 -25.94
C LEU B 154 -5.38 -3.84 -25.15
N ARG B 155 -4.29 -3.52 -24.41
CA ARG B 155 -4.36 -2.28 -23.63
C ARG B 155 -3.40 -1.25 -24.18
N MET B 156 -3.98 -0.09 -24.52
CA MET B 156 -3.11 0.96 -25.04
C MET B 156 -3.07 2.12 -24.04
N SER B 157 -1.83 2.51 -23.77
CA SER B 157 -1.66 3.63 -22.85
C SER B 157 -1.39 4.91 -23.65
N THR B 158 -2.06 5.99 -23.29
CA THR B 158 -1.87 7.28 -23.94
C THR B 158 -1.49 8.33 -22.92
N ASP B 159 -0.43 9.07 -23.16
CA ASP B 159 0.06 10.17 -22.34
C ASP B 159 -0.93 11.32 -22.55
N ILE B 160 -1.38 11.95 -21.48
CA ILE B 160 -2.42 12.98 -21.67
C ILE B 160 -1.88 14.31 -22.12
N LYS B 161 -0.58 14.55 -22.09
CA LYS B 161 -0.01 15.80 -22.58
C LYS B 161 0.10 15.71 -24.10
N THR B 162 1.06 14.92 -24.54
CA THR B 162 1.29 14.73 -25.96
C THR B 162 0.56 13.53 -26.46
N GLY B 163 -0.73 13.25 -26.35
CA GLY B 163 -1.38 12.06 -26.80
C GLY B 163 -0.70 10.97 -27.58
N ARG B 164 0.53 10.65 -27.31
CA ARG B 164 1.45 9.72 -27.86
C ARG B 164 1.11 8.41 -27.15
N VAL B 165 0.87 7.37 -27.92
CA VAL B 165 0.57 6.11 -27.24
C VAL B 165 1.88 5.54 -26.71
N GLY B 166 1.99 5.43 -25.39
CA GLY B 166 3.18 4.91 -24.76
C GLY B 166 3.31 3.41 -25.01
N GLN B 167 2.57 2.65 -24.24
CA GLN B 167 2.57 1.22 -24.19
C GLN B 167 1.38 0.62 -24.92
N PHE B 168 1.59 -0.41 -25.69
CA PHE B 168 0.50 -1.12 -26.33
C PHE B 168 0.69 -2.59 -25.99
N ILE B 169 -0.10 -3.15 -25.08
CA ILE B 169 0.19 -4.50 -24.66
C ILE B 169 -1.03 -5.40 -24.51
N GLU B 170 -0.70 -6.69 -24.42
CA GLU B 170 -1.67 -7.67 -23.99
C GLU B 170 -1.21 -8.09 -22.59
N LYS B 171 -2.02 -7.84 -21.59
CA LYS B 171 -1.70 -8.10 -20.18
C LYS B 171 -2.25 -9.46 -19.75
N ARG B 172 -1.43 -10.37 -19.30
CA ARG B 172 -1.85 -11.72 -18.92
C ARG B 172 -1.58 -11.91 -17.43
N HIS B 173 -2.61 -12.22 -16.69
CA HIS B 173 -2.48 -12.53 -15.28
C HIS B 173 -1.91 -13.92 -15.12
N VAL B 174 -0.75 -14.16 -14.56
CA VAL B 174 -0.20 -15.51 -14.46
C VAL B 174 -0.58 -16.06 -13.07
N ALA B 175 -0.38 -15.30 -11.99
CA ALA B 175 -0.69 -15.88 -10.69
C ALA B 175 -0.86 -14.72 -9.72
N GLN B 176 -1.34 -15.03 -8.51
CA GLN B 176 -1.46 -14.02 -7.48
C GLN B 176 -1.47 -14.75 -6.13
N LEU B 177 -0.94 -14.07 -5.16
CA LEU B 177 -1.02 -14.55 -3.76
C LEU B 177 -1.73 -13.43 -2.97
N LEU B 178 -2.53 -13.74 -2.02
CA LEU B 178 -3.21 -12.83 -1.09
C LEU B 178 -2.67 -13.01 0.31
N LEU B 179 -2.18 -11.89 0.84
CA LEU B 179 -1.62 -11.91 2.21
C LEU B 179 -2.61 -11.20 3.14
N TYR B 180 -3.30 -11.98 3.88
CA TYR B 180 -4.18 -11.46 4.91
C TYR B 180 -3.33 -10.89 6.07
N SER B 181 -3.72 -9.63 6.38
CA SER B 181 -2.87 -8.98 7.41
C SER B 181 -3.83 -8.44 8.44
N PRO B 182 -4.18 -9.17 9.40
CA PRO B 182 -5.21 -8.73 10.34
C PRO B 182 -4.62 -7.76 11.31
N LYS B 183 -3.39 -7.40 11.46
CA LYS B 183 -3.02 -6.31 12.36
C LYS B 183 -3.12 -5.01 11.63
N ASP B 184 -3.37 -5.05 10.30
CA ASP B 184 -3.25 -3.82 9.49
C ASP B 184 -4.58 -3.42 8.98
N SER B 185 -4.77 -2.21 8.52
CA SER B 185 -6.06 -1.85 7.91
C SER B 185 -6.21 -2.49 6.55
N TYR B 186 -5.15 -2.79 5.78
CA TYR B 186 -5.28 -3.24 4.42
C TYR B 186 -4.49 -4.58 4.29
N ASP B 187 -5.04 -5.48 3.54
CA ASP B 187 -4.37 -6.66 3.07
C ASP B 187 -3.61 -6.31 1.78
N VAL B 188 -2.85 -7.34 1.30
CA VAL B 188 -2.06 -7.24 0.12
C VAL B 188 -2.26 -8.35 -0.86
N LYS B 189 -2.20 -7.93 -2.12
CA LYS B 189 -2.15 -8.98 -3.19
C LYS B 189 -0.84 -8.82 -3.91
N ILE B 190 -0.12 -9.93 -4.06
CA ILE B 190 1.10 -10.07 -4.78
C ILE B 190 0.80 -10.75 -6.11
N SER B 191 0.97 -9.97 -7.17
CA SER B 191 0.64 -10.54 -8.46
C SER B 191 1.83 -10.61 -9.39
N LEU B 192 1.79 -11.78 -10.12
CA LEU B 192 2.76 -11.88 -11.24
C LEU B 192 1.97 -11.92 -12.50
N ASN B 193 2.23 -10.92 -13.32
CA ASN B 193 1.61 -10.75 -14.62
C ASN B 193 2.67 -10.63 -15.70
N LEU B 194 2.16 -10.78 -16.94
CA LEU B 194 3.00 -10.62 -18.09
C LEU B 194 2.50 -9.42 -18.91
N GLU B 195 3.33 -8.50 -19.30
CA GLU B 195 2.86 -7.43 -20.19
C GLU B 195 3.40 -7.73 -21.61
N LEU B 196 2.62 -8.42 -22.45
CA LEU B 196 3.09 -8.87 -23.75
C LEU B 196 2.96 -7.77 -24.76
N PRO B 197 4.05 -7.30 -25.32
CA PRO B 197 3.96 -6.24 -26.36
C PRO B 197 3.27 -6.77 -27.61
N VAL B 198 2.30 -6.06 -28.14
CA VAL B 198 1.49 -6.43 -29.30
C VAL B 198 2.37 -6.56 -30.52
N PRO B 199 2.12 -7.53 -31.42
CA PRO B 199 3.02 -7.91 -32.48
C PRO B 199 3.12 -7.05 -33.72
N ASP B 200 2.35 -7.31 -34.76
CA ASP B 200 2.43 -6.62 -36.04
C ASP B 200 1.26 -5.65 -36.23
N ASN B 201 0.28 -5.76 -35.36
CA ASN B 201 -0.91 -4.91 -35.30
C ASN B 201 -0.53 -3.49 -34.91
N ASP B 202 -0.72 -2.49 -35.76
CA ASP B 202 -0.26 -1.16 -35.38
C ASP B 202 -1.24 -0.46 -34.44
N PRO B 203 -0.66 0.29 -33.51
CA PRO B 203 -1.42 1.04 -32.56
C PRO B 203 -2.29 2.15 -33.08
N PRO B 204 -1.79 3.23 -33.63
CA PRO B 204 -2.63 4.35 -34.00
C PRO B 204 -3.56 4.12 -35.17
N GLU B 205 -3.10 3.28 -36.10
CA GLU B 205 -3.86 3.02 -37.30
C GLU B 205 -5.11 2.19 -37.03
N LYS B 206 -4.93 1.07 -36.35
CA LYS B 206 -6.04 0.14 -36.17
C LYS B 206 -7.12 0.58 -35.20
N TYR B 207 -6.80 1.17 -34.05
CA TYR B 207 -7.76 1.39 -32.99
C TYR B 207 -8.14 2.79 -32.58
N LYS B 208 -7.67 3.84 -33.23
CA LYS B 208 -8.20 5.18 -32.92
C LYS B 208 -9.65 5.27 -33.42
N SER B 209 -9.95 4.49 -34.45
CA SER B 209 -11.24 4.29 -35.03
C SER B 209 -12.28 3.70 -34.08
N GLN B 210 -12.01 2.52 -33.51
CA GLN B 210 -13.01 1.81 -32.71
C GLN B 210 -13.06 2.18 -31.25
N SER B 211 -14.16 1.79 -30.59
CA SER B 211 -14.36 2.21 -29.22
C SER B 211 -13.93 1.11 -28.25
N PRO B 212 -13.05 1.53 -27.34
CA PRO B 212 -12.56 0.67 -26.28
C PRO B 212 -13.73 0.14 -25.48
N ILE B 213 -13.54 -0.98 -24.81
CA ILE B 213 -14.59 -1.56 -23.99
C ILE B 213 -14.47 -1.10 -22.54
N SER B 214 -13.42 -0.33 -22.30
CA SER B 214 -13.14 0.23 -20.99
C SER B 214 -11.98 1.19 -21.06
N GLU B 215 -12.07 2.29 -20.32
CA GLU B 215 -11.01 3.28 -20.27
C GLU B 215 -10.70 3.61 -18.80
N ARG B 216 -9.44 3.69 -18.46
CA ARG B 216 -9.06 4.04 -17.09
C ARG B 216 -8.22 5.31 -17.18
N THR B 217 -8.55 6.42 -16.60
CA THR B 217 -7.67 7.58 -16.41
C THR B 217 -6.82 7.39 -15.14
N LYS B 218 -5.52 7.62 -15.17
CA LYS B 218 -4.54 7.37 -14.16
C LYS B 218 -3.66 8.59 -13.89
N ASP B 219 -3.87 9.14 -12.70
CA ASP B 219 -3.02 10.24 -12.21
C ASP B 219 -2.01 9.57 -11.26
N ARG B 220 -0.74 9.53 -11.66
CA ARG B 220 0.22 8.83 -10.85
C ARG B 220 1.46 9.55 -10.43
N VAL B 221 1.99 9.23 -9.26
CA VAL B 221 3.31 9.65 -8.85
C VAL B 221 4.08 8.36 -8.60
N SER B 222 5.22 8.14 -9.15
CA SER B 222 6.08 7.00 -8.88
C SER B 222 7.38 7.44 -8.23
N TYR B 223 7.87 6.59 -7.34
CA TYR B 223 9.11 6.85 -6.57
C TYR B 223 9.95 5.61 -6.82
N ILE B 224 11.04 5.76 -7.56
CA ILE B 224 11.95 4.72 -7.93
C ILE B 224 13.07 4.73 -6.86
N HIS B 225 13.23 3.65 -6.13
CA HIS B 225 14.37 3.58 -5.20
C HIS B 225 15.37 2.60 -5.77
N ASN B 226 16.38 2.98 -6.58
CA ASN B 226 17.20 1.93 -7.22
C ASN B 226 18.04 1.10 -6.25
N ASP B 227 18.40 1.58 -5.08
CA ASP B 227 19.16 0.72 -4.15
C ASP B 227 18.32 -0.39 -3.58
N SER B 228 16.99 -0.35 -3.60
CA SER B 228 16.23 -1.47 -3.10
C SER B 228 15.57 -2.13 -4.31
N CYS B 229 15.92 -1.79 -5.55
CA CYS B 229 15.29 -2.28 -6.76
C CYS B 229 13.77 -2.22 -6.82
N THR B 230 13.16 -1.19 -6.25
CA THR B 230 11.72 -1.08 -6.00
C THR B 230 11.22 0.26 -6.53
N ARG B 231 9.97 0.23 -6.99
CA ARG B 231 9.25 1.41 -7.36
C ARG B 231 7.94 1.39 -6.54
N ILE B 232 7.48 2.49 -6.03
CA ILE B 232 6.25 2.74 -5.35
C ILE B 232 5.43 3.61 -6.31
N ASP B 233 4.21 3.24 -6.65
CA ASP B 233 3.34 3.96 -7.56
C ASP B 233 2.06 4.27 -6.80
N ILE B 234 1.77 5.53 -6.65
CA ILE B 234 0.55 5.96 -5.97
C ILE B 234 -0.27 6.65 -7.06
N THR B 235 -1.45 6.12 -7.29
CA THR B 235 -2.25 6.51 -8.44
C THR B 235 -3.73 6.66 -8.13
N LYS B 236 -4.28 7.74 -8.56
CA LYS B 236 -5.74 7.89 -8.48
C LYS B 236 -6.36 7.43 -9.78
N VAL B 237 -7.26 6.46 -9.78
CA VAL B 237 -7.70 5.96 -11.08
C VAL B 237 -9.20 6.20 -11.22
N GLU B 238 -9.62 6.59 -12.40
CA GLU B 238 -11.04 6.83 -12.66
C GLU B 238 -11.42 5.79 -13.73
N ASN B 239 -12.24 4.88 -13.29
CA ASN B 239 -12.61 3.67 -14.01
C ASN B 239 -13.94 3.97 -14.71
N HIS B 240 -13.86 4.20 -16.01
CA HIS B 240 -15.06 4.60 -16.78
C HIS B 240 -15.69 3.34 -17.40
N SER B 249 -18.26 7.23 -13.72
CA SER B 249 -16.84 6.85 -13.43
C SER B 249 -16.61 6.50 -11.96
N GLU B 250 -16.08 5.31 -11.72
CA GLU B 250 -15.72 4.82 -10.40
C GLU B 250 -14.29 5.16 -10.05
N THR B 251 -14.07 5.82 -8.92
CA THR B 251 -12.73 6.21 -8.51
C THR B 251 -12.04 5.19 -7.63
N THR B 252 -10.78 4.85 -7.83
CA THR B 252 -10.04 4.08 -6.85
C THR B 252 -8.69 4.76 -6.57
N HIS B 253 -8.20 4.57 -5.37
CA HIS B 253 -6.93 5.14 -4.90
C HIS B 253 -6.00 3.91 -4.67
N GLU B 254 -5.08 3.73 -5.59
CA GLU B 254 -4.25 2.54 -5.61
C GLU B 254 -2.84 2.74 -5.19
N VAL B 255 -2.29 1.93 -4.32
CA VAL B 255 -0.86 1.98 -3.92
C VAL B 255 -0.22 0.67 -4.37
N GLU B 256 0.90 0.67 -5.04
CA GLU B 256 1.42 -0.54 -5.65
C GLU B 256 2.97 -0.46 -5.52
N LEU B 257 3.61 -1.54 -5.16
CA LEU B 257 5.06 -1.59 -5.05
C LEU B 257 5.48 -2.64 -6.08
N GLU B 258 6.44 -2.40 -6.89
CA GLU B 258 6.84 -3.22 -8.03
C GLU B 258 8.34 -3.48 -7.93
N ILE B 259 8.76 -4.72 -8.08
CA ILE B 259 10.19 -5.07 -8.10
C ILE B 259 10.69 -4.79 -9.53
N ASN B 260 11.94 -4.40 -9.69
CA ASN B 260 12.51 -4.20 -11.04
C ASN B 260 12.62 -5.54 -11.75
N THR B 261 12.05 -5.82 -12.88
CA THR B 261 12.19 -7.12 -13.49
C THR B 261 13.59 -7.58 -13.86
N PRO B 262 14.44 -6.77 -14.45
CA PRO B 262 15.79 -7.21 -14.78
C PRO B 262 16.52 -7.68 -13.52
N ALA B 263 16.37 -6.97 -12.37
CA ALA B 263 17.07 -7.48 -11.21
C ALA B 263 16.44 -8.83 -10.79
N LEU B 264 15.09 -8.92 -10.87
CA LEU B 264 14.49 -10.19 -10.44
C LEU B 264 15.03 -11.32 -11.34
N LEU B 265 14.98 -11.08 -12.68
CA LEU B 265 15.46 -12.11 -13.58
C LEU B 265 16.94 -12.51 -13.44
N ASN B 266 17.74 -11.55 -13.06
CA ASN B 266 19.17 -11.80 -12.85
C ASN B 266 19.32 -12.69 -11.67
N ALA B 267 18.51 -12.37 -10.62
CA ALA B 267 18.71 -13.10 -9.37
C ALA B 267 18.16 -14.51 -9.50
N PHE B 268 17.02 -14.63 -10.22
CA PHE B 268 16.43 -15.89 -10.52
C PHE B 268 17.44 -16.73 -11.37
N ASP B 269 18.05 -16.14 -12.38
CA ASP B 269 19.12 -16.83 -13.12
C ASP B 269 20.27 -17.33 -12.31
N ASN B 270 20.73 -16.68 -11.28
CA ASN B 270 21.74 -17.06 -10.34
C ASN B 270 21.31 -17.83 -9.11
N ILE B 271 20.13 -18.44 -9.04
CA ILE B 271 19.73 -19.18 -7.83
C ILE B 271 20.63 -20.40 -7.54
N THR B 272 20.99 -21.20 -8.55
CA THR B 272 21.87 -22.33 -8.23
C THR B 272 23.26 -21.84 -7.80
N ASN B 273 23.93 -21.09 -8.64
CA ASN B 273 25.20 -20.45 -8.38
C ASN B 273 25.31 -19.68 -7.06
N ASP B 274 24.42 -18.76 -6.70
CA ASP B 274 24.45 -17.93 -5.50
C ASP B 274 23.05 -17.45 -5.14
N SER B 275 22.29 -18.18 -4.31
CA SER B 275 20.92 -17.84 -3.98
C SER B 275 20.74 -16.63 -3.07
N LYS B 276 21.79 -16.10 -2.47
CA LYS B 276 21.79 -14.95 -1.65
C LYS B 276 21.21 -13.74 -2.40
N GLU B 277 21.44 -13.51 -3.67
CA GLU B 277 20.88 -12.35 -4.33
C GLU B 277 19.34 -12.46 -4.47
N TYR B 278 18.85 -13.60 -4.83
CA TYR B 278 17.44 -13.84 -4.97
C TYR B 278 16.77 -13.63 -3.62
N ALA B 279 17.32 -14.27 -2.57
CA ALA B 279 16.82 -14.25 -1.23
C ALA B 279 16.81 -12.82 -0.70
N SER B 280 17.82 -11.97 -0.98
CA SER B 280 17.78 -10.66 -0.43
C SER B 280 16.85 -9.76 -1.25
N LEU B 281 16.64 -10.14 -2.54
CA LEU B 281 15.78 -9.31 -3.33
C LEU B 281 14.30 -9.49 -2.87
N ILE B 282 13.97 -10.75 -2.53
CA ILE B 282 12.56 -11.00 -2.09
C ILE B 282 12.41 -10.48 -0.66
N ARG B 283 13.43 -10.59 0.24
CA ARG B 283 13.32 -9.98 1.52
C ARG B 283 13.13 -8.46 1.45
N THR B 284 13.93 -7.78 0.63
CA THR B 284 13.67 -6.35 0.61
C THR B 284 12.32 -5.98 -0.01
N PHE B 285 11.81 -6.71 -0.95
CA PHE B 285 10.47 -6.33 -1.55
C PHE B 285 9.41 -6.40 -0.48
N LEU B 286 9.42 -7.52 0.31
CA LEU B 286 8.53 -7.60 1.44
C LEU B 286 8.79 -6.64 2.55
N ASN B 287 10.02 -6.29 2.93
CA ASN B 287 10.33 -5.30 3.93
C ASN B 287 9.76 -3.94 3.47
N ASN B 288 9.89 -3.56 2.22
CA ASN B 288 9.29 -2.35 1.74
C ASN B 288 7.77 -2.38 1.81
N GLY B 289 7.22 -3.57 1.45
CA GLY B 289 5.79 -3.75 1.48
C GLY B 289 5.30 -3.53 2.93
N THR B 290 5.95 -4.14 3.90
CA THR B 290 5.75 -3.96 5.30
C THR B 290 5.83 -2.53 5.77
N ILE B 291 6.81 -1.74 5.37
CA ILE B 291 6.87 -0.36 5.80
C ILE B 291 5.60 0.40 5.31
N ILE B 292 5.12 0.13 4.13
CA ILE B 292 4.00 0.90 3.62
C ILE B 292 2.73 0.47 4.34
N ARG B 293 2.63 -0.86 4.54
CA ARG B 293 1.46 -1.40 5.20
C ARG B 293 1.34 -0.90 6.65
N ARG B 294 2.43 -0.77 7.41
CA ARG B 294 2.41 -0.28 8.74
C ARG B 294 2.20 1.22 8.78
N LYS B 295 2.69 1.95 7.80
CA LYS B 295 2.45 3.36 7.75
C LYS B 295 0.95 3.61 7.54
N LEU B 296 0.30 2.91 6.65
CA LEU B 296 -1.11 3.07 6.31
C LEU B 296 -1.94 2.80 7.55
N SER B 297 -1.62 1.76 8.30
CA SER B 297 -2.24 1.36 9.51
C SER B 297 -2.05 2.44 10.58
N SER B 298 -0.85 3.05 10.65
CA SER B 298 -0.64 3.98 11.75
C SER B 298 -1.27 5.33 11.44
N LEU B 299 -1.46 5.66 10.19
CA LEU B 299 -2.15 6.89 9.86
C LEU B 299 -3.67 6.65 10.04
N SER B 300 -4.13 5.43 10.14
CA SER B 300 -5.48 4.98 10.29
C SER B 300 -5.67 5.00 11.83
N TYR B 301 -5.79 6.20 12.32
CA TYR B 301 -6.44 6.69 13.50
C TYR B 301 -5.44 7.17 14.55
N HIS C 1 7.15 -0.21 35.10
CA HIS C 1 7.18 -1.56 34.42
C HIS C 1 7.99 -2.51 35.31
N MET C 2 9.12 -2.04 35.84
CA MET C 2 9.79 -2.94 36.80
C MET C 2 9.03 -3.02 38.10
N TYR C 3 8.33 -2.00 38.58
CA TYR C 3 7.86 -2.05 39.96
C TYR C 3 6.35 -2.23 39.99
N ARG C 4 5.71 -2.31 38.85
CA ARG C 4 4.25 -2.46 38.80
C ARG C 4 3.86 -3.65 37.89
N ASN C 5 2.59 -4.07 38.01
CA ASN C 5 1.93 -4.93 37.12
C ASN C 5 0.54 -4.38 36.79
N VAL C 6 0.13 -4.36 35.53
CA VAL C 6 -1.14 -3.93 35.01
C VAL C 6 -1.82 -5.04 34.17
N PRO C 7 -3.10 -5.29 34.37
CA PRO C 7 -3.78 -6.37 33.60
C PRO C 7 -3.63 -6.01 32.16
N ILE C 8 -3.59 -7.00 31.28
CA ILE C 8 -3.49 -6.75 29.80
C ILE C 8 -4.54 -5.84 29.24
N TRP C 9 -5.81 -6.00 29.65
CA TRP C 9 -6.84 -5.08 29.11
C TRP C 9 -6.69 -3.60 29.43
N ALA C 10 -5.95 -3.29 30.51
CA ALA C 10 -5.71 -1.96 30.97
C ALA C 10 -4.37 -1.43 30.49
N GLN C 11 -3.51 -2.14 29.74
CA GLN C 11 -2.18 -1.60 29.45
C GLN C 11 -2.28 -0.54 28.35
N LYS C 12 -1.66 0.60 28.61
CA LYS C 12 -1.81 1.69 27.65
C LYS C 12 -0.50 1.79 26.86
N TRP C 13 0.64 1.76 27.51
CA TRP C 13 1.87 1.90 26.75
C TRP C 13 2.43 0.58 26.23
N LYS C 14 2.75 0.63 24.93
CA LYS C 14 3.44 -0.45 24.26
C LYS C 14 4.82 0.15 23.98
N PRO C 15 5.85 -0.55 24.38
CA PRO C 15 7.21 -0.10 24.17
C PRO C 15 7.50 -0.05 22.68
N THR C 16 8.20 0.95 22.14
CA THR C 16 8.54 0.76 20.75
C THR C 16 9.81 -0.09 20.66
N ILE C 17 9.65 -1.13 19.83
CA ILE C 17 10.82 -1.98 19.57
C ILE C 17 11.36 -1.58 18.22
N LYS C 18 12.57 -1.06 18.07
CA LYS C 18 12.88 -0.65 16.69
C LYS C 18 13.50 -1.79 15.88
N ALA C 19 13.35 -1.59 14.57
CA ALA C 19 13.80 -2.60 13.61
C ALA C 19 15.32 -2.74 13.70
N LEU C 20 15.87 -3.80 13.13
CA LEU C 20 17.30 -3.96 13.04
C LEU C 20 17.77 -2.86 12.09
N GLN C 21 18.73 -2.08 12.53
CA GLN C 21 19.36 -1.17 11.55
C GLN C 21 20.21 -1.98 10.58
N SER C 22 20.41 -1.47 9.36
CA SER C 22 21.25 -2.19 8.40
C SER C 22 22.62 -2.43 9.05
N ILE C 23 22.85 -3.66 9.51
CA ILE C 23 24.07 -3.98 10.23
C ILE C 23 25.29 -3.44 9.51
N ASN C 24 26.40 -3.38 10.22
CA ASN C 24 27.67 -2.90 9.68
C ASN C 24 28.44 -3.92 8.85
N VAL C 25 27.77 -4.87 8.18
CA VAL C 25 28.49 -5.83 7.36
C VAL C 25 28.84 -5.21 6.02
N LYS C 26 29.76 -5.87 5.33
CA LYS C 26 30.22 -5.44 4.02
C LYS C 26 29.11 -4.72 3.26
N ASP C 27 29.34 -3.52 2.77
CA ASP C 27 28.27 -2.82 2.04
C ASP C 27 27.48 -3.87 1.25
N LEU C 28 26.23 -4.15 1.64
CA LEU C 28 25.47 -5.18 0.95
C LEU C 28 25.31 -4.81 -0.52
N LYS C 29 24.58 -5.66 -1.25
CA LYS C 29 24.38 -5.39 -2.66
C LYS C 29 23.02 -4.71 -2.86
N ILE C 30 22.16 -4.85 -1.88
CA ILE C 30 20.82 -4.24 -1.98
C ILE C 30 20.53 -3.61 -0.62
N ASP C 31 19.88 -2.46 -0.58
CA ASP C 31 19.40 -1.90 0.66
C ASP C 31 18.27 -2.86 1.15
N PRO C 32 18.17 -3.05 2.43
CA PRO C 32 17.14 -3.88 3.05
C PRO C 32 15.76 -3.25 2.91
N SER C 33 15.66 -1.96 2.72
CA SER C 33 14.40 -1.26 2.59
C SER C 33 14.69 0.16 2.14
N PHE C 34 13.70 0.91 1.76
CA PHE C 34 13.85 2.32 1.44
C PHE C 34 14.10 3.13 2.71
N LEU C 35 14.00 2.67 3.93
CA LEU C 35 14.39 3.47 5.10
C LEU C 35 15.72 2.99 5.69
N ASN C 36 16.30 1.97 5.11
CA ASN C 36 17.50 1.26 5.48
C ASN C 36 17.44 0.56 6.82
N ILE C 37 16.27 0.02 7.09
CA ILE C 37 16.01 -0.71 8.32
C ILE C 37 15.32 -1.97 7.87
N ILE C 38 15.41 -2.99 8.72
CA ILE C 38 14.76 -4.25 8.45
C ILE C 38 13.61 -4.38 9.43
N PRO C 39 12.41 -4.10 9.02
CA PRO C 39 11.24 -4.24 9.93
C PRO C 39 11.05 -5.65 10.48
N ASP C 40 10.57 -5.80 11.75
CA ASP C 40 10.27 -7.17 12.18
C ASP C 40 9.14 -7.81 11.36
N ASP C 41 9.15 -9.13 11.34
CA ASP C 41 8.00 -9.73 10.64
C ASP C 41 6.80 -9.69 11.60
N ASP C 42 5.65 -9.86 11.01
CA ASP C 42 4.42 -9.70 11.81
C ASP C 42 4.44 -10.58 13.05
N LEU C 43 4.71 -11.82 12.91
CA LEU C 43 4.71 -12.82 13.92
C LEU C 43 5.73 -12.54 15.01
N THR C 44 6.90 -12.07 14.72
CA THR C 44 7.88 -11.67 15.69
C THR C 44 7.34 -10.49 16.48
N LYS C 45 6.85 -9.46 15.82
CA LYS C 45 6.17 -8.38 16.45
C LYS C 45 4.98 -8.81 17.33
N SER C 46 4.12 -9.76 16.92
CA SER C 46 3.07 -10.15 17.82
C SER C 46 3.70 -10.83 19.05
N VAL C 47 4.74 -11.64 18.82
CA VAL C 47 5.23 -12.41 19.96
C VAL C 47 5.88 -11.43 20.96
N GLN C 48 6.63 -10.50 20.45
CA GLN C 48 7.26 -9.46 21.25
C GLN C 48 6.23 -8.66 22.09
N ASP C 49 5.08 -8.32 21.53
CA ASP C 49 3.99 -7.61 22.18
C ASP C 49 3.36 -8.56 23.23
N TRP C 50 3.08 -9.78 22.81
CA TRP C 50 2.41 -10.64 23.75
C TRP C 50 3.23 -10.92 25.04
N VAL C 51 4.49 -11.18 24.89
CA VAL C 51 5.41 -11.61 25.94
C VAL C 51 5.44 -10.43 26.91
N TYR C 52 5.71 -9.27 26.40
CA TYR C 52 5.83 -8.07 27.17
C TYR C 52 4.47 -7.82 27.86
N ALA C 53 3.31 -7.90 27.19
CA ALA C 53 2.10 -7.65 27.93
C ALA C 53 1.89 -8.63 29.03
N THR C 54 2.05 -9.93 28.77
CA THR C 54 1.89 -10.96 29.71
C THR C 54 2.80 -10.77 30.93
N ILE C 55 4.07 -10.50 30.76
CA ILE C 55 4.96 -10.46 31.96
C ILE C 55 4.60 -9.22 32.70
N TYR C 56 4.31 -8.09 32.04
CA TYR C 56 3.89 -6.90 32.69
C TYR C 56 2.67 -7.11 33.57
N SER C 57 1.79 -8.04 33.26
CA SER C 57 0.59 -8.38 33.99
C SER C 57 0.93 -9.21 35.20
N ILE C 58 2.10 -9.84 35.35
CA ILE C 58 2.40 -10.58 36.53
C ILE C 58 3.16 -9.74 37.59
N ALA C 59 2.74 -9.88 38.84
CA ALA C 59 3.35 -9.08 39.98
C ALA C 59 4.84 -9.23 40.01
N PRO C 60 5.64 -8.14 40.01
CA PRO C 60 7.07 -8.13 40.05
C PRO C 60 7.57 -9.23 40.93
N GLU C 61 7.12 -9.40 42.17
CA GLU C 61 7.68 -10.51 42.99
C GLU C 61 7.58 -11.87 42.34
N LEU C 62 6.60 -12.18 41.52
CA LEU C 62 6.41 -13.47 40.91
C LEU C 62 7.18 -13.58 39.59
N ARG C 63 7.79 -12.55 39.02
CA ARG C 63 8.40 -12.64 37.72
C ARG C 63 9.55 -13.62 37.66
N SER C 64 10.31 -13.83 38.76
CA SER C 64 11.47 -14.70 38.65
C SER C 64 11.06 -16.15 38.60
N PHE C 65 9.79 -16.50 38.82
CA PHE C 65 9.27 -17.84 38.66
C PHE C 65 8.66 -18.09 37.28
N ILE C 66 8.86 -17.17 36.37
CA ILE C 66 8.40 -17.31 34.99
C ILE C 66 9.16 -18.34 34.20
N GLU C 67 8.40 -19.13 33.45
CA GLU C 67 8.96 -20.07 32.46
C GLU C 67 8.29 -19.78 31.11
N LEU C 68 9.03 -19.38 30.12
CA LEU C 68 8.58 -19.07 28.78
C LEU C 68 9.10 -20.18 27.86
N GLU C 69 8.18 -21.02 27.41
CA GLU C 69 8.54 -22.25 26.67
C GLU C 69 7.74 -22.33 25.39
N MET C 70 8.30 -23.10 24.49
CA MET C 70 7.64 -23.46 23.21
C MET C 70 7.61 -24.97 23.05
N LYS C 71 6.40 -25.48 22.80
CA LYS C 71 6.19 -26.94 22.78
C LYS C 71 5.56 -27.34 21.45
N PHE C 72 5.93 -28.46 20.85
CA PHE C 72 5.49 -28.87 19.52
C PHE C 72 4.34 -29.81 19.64
N GLY C 73 3.39 -29.81 18.74
CA GLY C 73 2.26 -30.78 18.75
C GLY C 73 1.30 -30.36 17.64
N VAL C 74 0.06 -30.86 17.65
CA VAL C 74 -0.89 -30.39 16.65
C VAL C 74 -1.98 -29.58 17.29
N ILE C 75 -2.45 -28.51 16.64
CA ILE C 75 -3.55 -27.74 17.17
C ILE C 75 -4.85 -28.42 16.71
N ILE C 76 -5.70 -28.76 17.64
CA ILE C 76 -6.98 -29.43 17.40
C ILE C 76 -8.13 -28.51 17.83
N ASP C 77 -9.24 -28.42 17.12
CA ASP C 77 -10.19 -27.37 17.53
C ASP C 77 -11.17 -28.08 18.45
N ALA C 78 -12.05 -27.30 19.02
CA ALA C 78 -13.05 -27.89 19.91
C ALA C 78 -13.84 -28.93 19.12
N LYS C 79 -14.31 -28.67 17.91
CA LYS C 79 -15.18 -29.69 17.31
C LYS C 79 -14.59 -30.26 16.03
N GLY C 80 -13.98 -31.42 16.23
CA GLY C 80 -13.28 -32.25 15.27
C GLY C 80 -12.04 -32.81 15.98
N PRO C 81 -11.70 -34.05 15.72
CA PRO C 81 -10.49 -34.64 16.27
C PRO C 81 -9.25 -34.23 15.48
N ASP C 82 -9.38 -33.74 14.26
CA ASP C 82 -8.19 -33.51 13.42
C ASP C 82 -7.52 -32.16 13.57
N ARG C 83 -6.24 -32.10 13.14
CA ARG C 83 -5.53 -30.85 13.09
C ARG C 83 -6.45 -29.78 12.48
N VAL C 84 -6.53 -28.61 12.99
CA VAL C 84 -7.34 -27.50 12.42
C VAL C 84 -6.80 -27.26 10.98
N ASN C 85 -7.62 -26.65 10.20
CA ASN C 85 -7.29 -26.32 8.79
C ASN C 85 -7.90 -25.03 8.32
N PRO C 86 -7.65 -23.89 8.96
CA PRO C 86 -8.09 -22.57 8.48
C PRO C 86 -7.56 -22.35 7.10
N PRO C 87 -8.06 -21.47 6.25
CA PRO C 87 -7.68 -21.19 4.92
C PRO C 87 -6.43 -20.35 4.80
N VAL C 88 -5.38 -20.80 5.52
CA VAL C 88 -4.15 -20.03 5.43
C VAL C 88 -3.03 -20.94 5.08
N SER C 89 -1.87 -20.49 4.62
CA SER C 89 -0.79 -21.27 4.19
C SER C 89 0.56 -20.78 4.67
N SER C 90 0.75 -19.96 5.62
CA SER C 90 2.08 -19.73 6.23
C SER C 90 1.83 -19.57 7.75
N GLN C 91 2.81 -19.64 8.61
CA GLN C 91 2.71 -19.64 10.03
C GLN C 91 1.99 -18.39 10.57
N CYS C 92 1.08 -18.48 11.56
CA CYS C 92 0.43 -17.36 12.02
C CYS C 92 -0.01 -17.58 13.46
N VAL C 93 -0.28 -16.53 14.22
CA VAL C 93 -0.94 -16.77 15.55
C VAL C 93 -2.35 -17.25 15.36
N PHE C 94 -2.87 -18.23 16.07
CA PHE C 94 -4.13 -18.87 15.71
C PHE C 94 -5.06 -18.71 16.91
N THR C 95 -6.29 -18.22 16.75
CA THR C 95 -7.05 -17.70 17.89
C THR C 95 -8.46 -18.22 17.76
N GLU C 96 -8.73 -19.47 17.94
CA GLU C 96 -10.07 -20.04 17.81
C GLU C 96 -10.42 -20.50 19.21
N LEU C 97 -11.60 -20.11 19.67
CA LEU C 97 -12.08 -20.53 20.98
C LEU C 97 -11.80 -21.99 21.29
N ASP C 98 -11.48 -22.44 22.51
CA ASP C 98 -11.27 -23.90 22.66
C ASP C 98 -10.27 -24.60 21.73
N ALA C 99 -9.53 -24.05 20.79
CA ALA C 99 -8.42 -24.81 20.19
C ALA C 99 -7.42 -25.18 21.30
N HIS C 100 -6.82 -26.34 21.20
CA HIS C 100 -5.76 -26.74 22.09
C HIS C 100 -4.63 -27.45 21.33
N LEU C 101 -3.51 -27.66 22.02
CA LEU C 101 -2.38 -28.40 21.51
C LEU C 101 -1.88 -29.24 22.68
N THR C 102 -1.81 -30.54 22.54
CA THR C 102 -1.11 -31.40 23.52
C THR C 102 0.29 -31.80 23.02
N PRO C 103 1.32 -31.46 23.74
CA PRO C 103 2.70 -31.67 23.28
C PRO C 103 2.95 -33.12 22.96
N ASN C 104 3.36 -33.48 21.79
CA ASN C 104 3.54 -34.86 21.40
C ASN C 104 3.96 -34.95 19.94
N ILE C 105 5.02 -35.65 19.71
CA ILE C 105 5.47 -35.74 18.30
C ILE C 105 5.57 -37.21 17.96
N ASP C 106 5.59 -37.68 16.75
CA ASP C 106 5.87 -39.11 16.42
C ASP C 106 7.20 -39.61 16.94
N ALA C 107 7.25 -40.80 17.47
CA ALA C 107 8.43 -41.41 18.05
C ALA C 107 9.60 -41.44 17.07
N SER C 108 9.32 -41.80 15.82
CA SER C 108 10.43 -41.86 14.84
C SER C 108 11.07 -40.51 14.55
N LEU C 109 10.16 -39.49 14.49
CA LEU C 109 10.71 -38.18 14.24
C LEU C 109 11.46 -37.66 15.44
N PHE C 110 11.00 -37.99 16.65
CA PHE C 110 11.72 -37.67 17.87
C PHE C 110 13.16 -38.28 17.82
N LYS C 111 13.26 -39.56 17.46
CA LYS C 111 14.57 -40.18 17.42
C LYS C 111 15.41 -39.43 16.43
N GLU C 112 14.94 -39.22 15.19
CA GLU C 112 15.74 -38.52 14.20
C GLU C 112 16.08 -37.05 14.52
N LEU C 113 15.23 -36.37 15.32
CA LEU C 113 15.63 -35.04 15.74
C LEU C 113 16.68 -35.08 16.85
N SER C 114 16.65 -35.96 17.78
CA SER C 114 17.62 -35.99 18.89
C SER C 114 18.96 -36.45 18.32
N LYS C 115 19.04 -37.24 17.29
CA LYS C 115 20.35 -37.49 16.59
C LYS C 115 20.89 -36.29 15.86
N TYR C 116 19.97 -35.51 15.22
CA TYR C 116 20.30 -34.25 14.56
C TYR C 116 20.84 -33.34 15.63
N ILE C 117 20.18 -33.07 16.74
CA ILE C 117 20.74 -32.11 17.71
C ILE C 117 22.04 -32.56 18.33
N ARG C 118 22.21 -33.87 18.56
CA ARG C 118 23.46 -34.43 19.13
C ARG C 118 24.55 -34.10 18.14
N GLY C 119 24.23 -34.31 16.88
CA GLY C 119 25.11 -34.14 15.75
C GLY C 119 25.62 -32.72 15.83
N ILE C 120 24.71 -31.74 16.00
CA ILE C 120 25.05 -30.33 16.13
C ILE C 120 25.94 -30.07 17.31
N SER C 121 25.67 -30.68 18.47
CA SER C 121 26.53 -30.37 19.63
C SER C 121 27.92 -30.96 19.47
N GLU C 122 28.11 -31.96 18.63
CA GLU C 122 29.37 -32.63 18.39
C GLU C 122 30.26 -32.03 17.31
N VAL C 123 29.83 -31.01 16.62
CA VAL C 123 30.74 -30.44 15.60
C VAL C 123 31.85 -29.77 16.37
N THR C 124 33.12 -29.94 16.00
CA THR C 124 34.20 -29.39 16.83
C THR C 124 34.21 -27.86 16.82
N GLU C 125 33.76 -27.21 15.77
CA GLU C 125 33.46 -25.79 15.81
C GLU C 125 32.36 -25.41 16.81
N ASN C 126 31.54 -26.22 17.47
CA ASN C 126 30.66 -25.69 18.50
C ASN C 126 30.87 -26.47 19.81
N THR C 127 32.12 -26.96 19.89
CA THR C 127 32.55 -27.72 21.03
C THR C 127 32.16 -27.15 22.35
N GLY C 128 32.60 -25.99 22.81
CA GLY C 128 32.00 -25.70 24.15
C GLY C 128 30.69 -24.94 24.11
N LYS C 129 29.98 -24.84 22.98
CA LYS C 129 28.77 -23.99 22.91
C LYS C 129 27.60 -24.68 23.54
N PHE C 130 27.58 -26.00 23.60
CA PHE C 130 26.47 -26.72 24.20
C PHE C 130 26.85 -27.49 25.47
N SER C 131 25.93 -27.54 26.41
CA SER C 131 26.04 -28.47 27.52
C SER C 131 24.86 -29.45 27.41
N ILE C 132 25.11 -30.72 27.71
CA ILE C 132 24.11 -31.75 27.63
C ILE C 132 23.79 -32.19 29.04
N ILE C 133 22.59 -32.10 29.57
CA ILE C 133 22.26 -32.67 30.86
C ILE C 133 21.26 -33.82 30.66
N GLU C 134 21.47 -35.04 31.07
CA GLU C 134 20.55 -36.14 30.90
C GLU C 134 19.81 -36.37 32.21
N SER C 135 18.50 -36.62 32.27
CA SER C 135 17.90 -36.80 33.60
C SER C 135 16.65 -37.63 33.56
N GLN C 136 16.37 -38.42 34.59
CA GLN C 136 15.12 -39.17 34.73
C GLN C 136 14.47 -38.77 36.06
N THR C 137 13.25 -38.20 35.91
CA THR C 137 12.61 -37.65 37.09
C THR C 137 11.21 -38.23 37.16
N ARG C 138 10.62 -38.23 38.33
CA ARG C 138 9.25 -38.68 38.50
C ARG C 138 8.47 -37.46 38.99
N ASP C 139 7.45 -37.00 38.32
CA ASP C 139 6.75 -35.77 38.73
C ASP C 139 5.38 -36.21 39.22
N SER C 140 5.13 -35.98 40.51
CA SER C 140 3.91 -36.34 41.18
C SER C 140 3.09 -35.11 41.51
N VAL C 141 1.83 -35.15 41.17
CA VAL C 141 0.89 -34.07 41.44
C VAL C 141 -0.02 -34.43 42.63
N TYR C 142 0.01 -33.66 43.70
CA TYR C 142 -0.88 -33.75 44.84
C TYR C 142 -1.94 -32.65 44.87
N ARG C 143 -3.12 -33.03 45.34
CA ARG C 143 -4.22 -32.06 45.52
C ARG C 143 -4.24 -31.61 46.97
N VAL C 144 -4.30 -30.35 47.36
CA VAL C 144 -4.26 -30.03 48.80
C VAL C 144 -5.65 -30.08 49.44
N GLY C 145 -6.64 -29.64 48.67
CA GLY C 145 -8.03 -29.65 49.14
C GLY C 145 -8.60 -31.06 49.11
N PRO C 151 -9.13 -25.96 45.72
CA PRO C 151 -8.19 -27.13 45.67
C PRO C 151 -6.99 -26.80 44.80
N ARG C 152 -5.81 -26.92 45.38
CA ARG C 152 -4.57 -26.59 44.68
C ARG C 152 -3.81 -27.87 44.34
N PHE C 153 -3.03 -27.84 43.27
CA PHE C 153 -2.25 -28.96 42.75
C PHE C 153 -0.75 -28.72 42.86
N LEU C 154 -0.08 -29.46 43.72
CA LEU C 154 1.35 -29.29 43.90
C LEU C 154 2.13 -30.39 43.19
N ARG C 155 3.22 -29.94 42.57
CA ARG C 155 4.00 -30.85 41.78
C ARG C 155 5.33 -31.11 42.46
N MET C 156 5.59 -32.38 42.73
CA MET C 156 6.82 -32.76 43.40
C MET C 156 7.66 -33.55 42.41
N SER C 157 8.86 -33.12 42.17
CA SER C 157 9.77 -33.81 41.25
C SER C 157 10.84 -34.59 42.03
N THR C 158 11.03 -35.85 41.70
CA THR C 158 11.98 -36.74 42.31
C THR C 158 12.97 -37.27 41.26
N ASP C 159 14.24 -37.04 41.47
CA ASP C 159 15.36 -37.59 40.72
C ASP C 159 15.33 -39.10 40.83
N ILE C 160 15.33 -39.91 39.80
CA ILE C 160 15.16 -41.35 39.98
C ILE C 160 16.40 -42.08 40.44
N LYS C 161 17.58 -41.48 40.56
CA LYS C 161 18.70 -42.23 41.11
C LYS C 161 18.79 -42.04 42.61
N THR C 162 19.04 -40.83 43.04
CA THR C 162 19.04 -40.53 44.46
C THR C 162 17.66 -40.14 44.93
N GLY C 163 16.51 -40.71 44.69
CA GLY C 163 15.22 -40.26 45.16
C GLY C 163 15.10 -39.03 46.03
N ARG C 164 15.78 -37.97 45.75
CA ARG C 164 15.92 -36.69 46.38
C ARG C 164 14.88 -35.86 45.63
N VAL C 165 14.03 -35.19 46.38
CA VAL C 165 13.03 -34.33 45.76
C VAL C 165 13.70 -33.07 45.22
N GLY C 166 13.70 -32.90 43.90
CA GLY C 166 14.31 -31.74 43.29
C GLY C 166 13.46 -30.50 43.53
N GLN C 167 12.35 -30.36 42.81
CA GLN C 167 11.47 -29.23 42.91
C GLN C 167 10.15 -29.62 43.58
N PHE C 168 9.61 -28.64 44.29
CA PHE C 168 8.31 -28.74 44.91
C PHE C 168 7.47 -27.49 44.63
N ILE C 169 6.65 -27.52 43.58
CA ILE C 169 6.07 -26.28 43.10
C ILE C 169 4.56 -26.38 42.85
N GLU C 170 4.03 -25.15 42.81
CA GLU C 170 2.64 -25.03 42.35
C GLU C 170 2.76 -24.42 40.92
N LYS C 171 2.41 -25.16 39.90
CA LYS C 171 2.51 -24.63 38.54
C LYS C 171 1.31 -23.82 38.09
N ARG C 172 1.42 -22.56 37.71
CA ARG C 172 0.25 -21.79 37.26
C ARG C 172 0.45 -21.38 35.79
N HIS C 173 -0.47 -21.75 34.92
CA HIS C 173 -0.42 -21.39 33.52
C HIS C 173 -0.98 -19.99 33.40
N VAL C 174 -0.21 -19.04 32.92
CA VAL C 174 -0.70 -17.68 32.84
C VAL C 174 -1.25 -17.47 31.44
N ALA C 175 -0.55 -17.91 30.40
CA ALA C 175 -1.13 -17.50 29.06
C ALA C 175 -0.42 -18.40 28.06
N GLN C 176 -1.05 -18.60 26.91
CA GLN C 176 -0.48 -19.39 25.84
C GLN C 176 -0.79 -18.77 24.49
N LEU C 177 0.13 -18.91 23.54
CA LEU C 177 -0.25 -18.45 22.19
C LEU C 177 -0.08 -19.72 21.31
N LEU C 178 -0.94 -19.99 20.38
CA LEU C 178 -0.90 -21.11 19.46
C LEU C 178 -0.42 -20.69 18.10
N LEU C 179 0.70 -21.28 17.66
CA LEU C 179 1.18 -20.86 16.28
C LEU C 179 0.83 -21.93 15.28
N TYR C 180 -0.15 -21.65 14.44
CA TYR C 180 -0.53 -22.60 13.37
C TYR C 180 0.51 -22.57 12.31
N SER C 181 1.07 -23.73 11.95
CA SER C 181 2.24 -23.73 11.03
C SER C 181 1.89 -24.72 9.91
N PRO C 182 1.11 -24.35 8.88
CA PRO C 182 0.62 -25.28 7.87
C PRO C 182 1.71 -25.75 6.88
N LYS C 183 2.92 -25.20 6.88
CA LYS C 183 3.99 -25.70 6.04
C LYS C 183 4.69 -26.84 6.78
N ASP C 184 4.43 -26.94 8.09
CA ASP C 184 5.15 -27.88 8.94
C ASP C 184 4.29 -29.06 9.29
N SER C 185 4.95 -30.12 9.84
CA SER C 185 4.11 -31.24 10.29
C SER C 185 3.60 -30.99 11.66
N TYR C 186 4.21 -30.13 12.49
CA TYR C 186 3.74 -29.76 13.81
C TYR C 186 3.51 -28.25 13.92
N ASP C 187 2.57 -27.94 14.79
CA ASP C 187 2.30 -26.59 15.20
C ASP C 187 3.05 -26.32 16.53
N VAL C 188 2.92 -25.07 17.00
CA VAL C 188 3.70 -24.72 18.20
C VAL C 188 2.78 -24.04 19.21
N LYS C 189 3.00 -24.40 20.47
CA LYS C 189 2.35 -23.58 21.51
C LYS C 189 3.43 -22.88 22.32
N ILE C 190 3.27 -21.58 22.40
CA ILE C 190 4.15 -20.85 23.31
C ILE C 190 3.36 -20.56 24.59
N SER C 191 4.01 -20.95 25.64
CA SER C 191 3.39 -20.80 26.97
C SER C 191 4.26 -20.03 27.98
N LEU C 192 3.53 -19.31 28.81
CA LEU C 192 4.17 -18.55 29.89
C LEU C 192 3.43 -19.04 31.13
N ASN C 193 4.22 -19.81 31.93
CA ASN C 193 3.75 -20.35 33.18
C ASN C 193 4.53 -19.81 34.40
N LEU C 194 3.91 -19.96 35.58
CA LEU C 194 4.72 -19.56 36.77
C LEU C 194 5.01 -20.82 37.54
N GLU C 195 6.24 -20.97 38.01
CA GLU C 195 6.58 -22.16 38.82
C GLU C 195 6.75 -21.74 40.25
N LEU C 196 5.67 -21.56 41.00
CA LEU C 196 5.69 -21.05 42.35
C LEU C 196 6.15 -22.13 43.35
N PRO C 197 7.26 -21.84 44.01
CA PRO C 197 7.82 -22.70 45.05
C PRO C 197 6.87 -22.75 46.26
N VAL C 198 6.59 -23.96 46.70
CA VAL C 198 5.73 -24.26 47.85
C VAL C 198 6.32 -23.59 49.09
N PRO C 199 5.46 -23.01 49.92
CA PRO C 199 5.85 -22.19 51.05
C PRO C 199 6.51 -22.83 52.26
N ASP C 200 5.69 -23.15 53.26
CA ASP C 200 6.12 -23.70 54.55
C ASP C 200 5.78 -25.18 54.67
N ASN C 201 4.88 -25.66 53.82
CA ASN C 201 4.55 -27.08 53.74
C ASN C 201 5.82 -27.85 53.32
N ASP C 202 6.24 -28.82 54.11
CA ASP C 202 7.46 -29.56 53.71
C ASP C 202 7.14 -30.67 52.72
N PRO C 203 8.04 -30.84 51.75
CA PRO C 203 7.89 -31.87 50.72
C PRO C 203 7.92 -33.23 51.34
N PRO C 204 9.00 -34.00 51.45
CA PRO C 204 9.05 -35.32 52.05
C PRO C 204 8.25 -35.66 53.27
N GLU C 205 7.98 -34.77 54.22
CA GLU C 205 7.22 -35.11 55.41
C GLU C 205 5.73 -35.23 55.16
N LYS C 206 5.12 -34.23 54.52
CA LYS C 206 3.68 -34.30 54.32
C LYS C 206 3.18 -35.26 53.26
N TYR C 207 3.85 -35.42 52.12
CA TYR C 207 3.26 -36.11 50.98
C TYR C 207 3.85 -37.44 50.57
N LYS C 208 4.84 -37.99 51.29
CA LYS C 208 5.31 -39.33 50.97
C LYS C 208 4.22 -40.34 51.38
N SER C 209 3.41 -39.96 52.36
CA SER C 209 2.27 -40.69 52.82
C SER C 209 1.14 -40.85 51.81
N GLN C 210 0.59 -39.75 51.29
CA GLN C 210 -0.58 -39.87 50.42
C GLN C 210 -0.28 -40.13 48.95
N SER C 211 -1.35 -40.47 48.23
CA SER C 211 -1.28 -40.82 46.82
C SER C 211 -1.53 -39.65 45.88
N PRO C 212 -0.57 -39.48 44.96
CA PRO C 212 -0.65 -38.45 43.93
C PRO C 212 -1.87 -38.68 43.08
N ILE C 213 -2.43 -37.62 42.48
CA ILE C 213 -3.57 -37.80 41.57
C ILE C 213 -3.08 -38.09 40.16
N SER C 214 -1.78 -37.91 39.93
CA SER C 214 -1.13 -38.22 38.70
C SER C 214 0.35 -38.25 38.91
N GLU C 215 1.02 -39.10 38.14
CA GLU C 215 2.45 -39.25 38.07
C GLU C 215 2.94 -39.29 36.60
N ARG C 216 3.95 -38.49 36.29
CA ARG C 216 4.57 -38.49 34.96
C ARG C 216 6.03 -38.92 35.15
N THR C 217 6.47 -39.92 34.39
CA THR C 217 7.89 -40.27 34.43
C THR C 217 8.52 -39.63 33.17
N LYS C 218 9.60 -38.90 33.38
CA LYS C 218 10.31 -38.16 32.36
C LYS C 218 11.75 -38.56 32.16
N ASP C 219 12.07 -39.07 30.98
CA ASP C 219 13.47 -39.37 30.55
C ASP C 219 13.93 -38.26 29.57
N ARG C 220 14.72 -37.32 30.01
CA ARG C 220 14.99 -36.12 29.22
C ARG C 220 16.47 -35.90 28.90
N VAL C 221 16.65 -35.37 27.69
CA VAL C 221 17.98 -34.91 27.29
C VAL C 221 17.84 -33.42 27.04
N SER C 222 18.54 -32.56 27.76
CA SER C 222 18.53 -31.14 27.61
C SER C 222 19.87 -30.64 27.08
N TYR C 223 19.72 -29.75 26.11
CA TYR C 223 20.87 -29.12 25.48
C TYR C 223 20.74 -27.64 25.71
N ILE C 224 21.68 -27.12 26.45
CA ILE C 224 21.70 -25.70 26.81
C ILE C 224 22.61 -24.96 25.86
N HIS C 225 22.21 -23.82 25.37
CA HIS C 225 23.05 -23.10 24.38
C HIS C 225 23.13 -21.71 24.96
N ASN C 226 24.10 -21.46 25.84
CA ASN C 226 24.20 -20.22 26.56
C ASN C 226 24.36 -19.03 25.61
N ASP C 227 24.93 -19.19 24.44
CA ASP C 227 25.08 -18.01 23.57
C ASP C 227 23.74 -17.58 22.95
N SER C 228 22.72 -18.44 22.93
CA SER C 228 21.44 -17.97 22.44
C SER C 228 20.41 -18.04 23.55
N CYS C 229 20.85 -18.08 24.84
CA CYS C 229 20.00 -18.07 26.01
C CYS C 229 18.87 -19.07 25.87
N THR C 230 19.13 -20.25 25.34
CA THR C 230 18.03 -21.16 25.04
C THR C 230 18.46 -22.52 25.52
N ARG C 231 17.47 -23.29 25.87
CA ARG C 231 17.67 -24.73 26.17
C ARG C 231 16.67 -25.51 25.34
N ILE C 232 17.03 -26.62 24.72
CA ILE C 232 16.13 -27.54 24.05
C ILE C 232 16.03 -28.78 24.96
N ASP C 233 14.85 -29.26 25.29
CA ASP C 233 14.62 -30.44 26.10
C ASP C 233 13.81 -31.41 25.24
N ILE C 234 14.27 -32.61 25.18
CA ILE C 234 13.75 -33.70 24.33
C ILE C 234 13.42 -34.80 25.33
N THR C 235 12.16 -35.11 25.51
CA THR C 235 11.76 -35.89 26.69
C THR C 235 10.83 -37.00 26.25
N LYS C 236 10.98 -38.13 26.93
CA LYS C 236 9.97 -39.20 26.65
C LYS C 236 9.14 -39.29 27.90
N VAL C 237 7.82 -39.16 27.81
CA VAL C 237 7.09 -39.19 29.08
C VAL C 237 6.08 -40.34 29.16
N GLU C 238 6.09 -40.95 30.37
CA GLU C 238 5.18 -42.08 30.63
C GLU C 238 4.09 -41.52 31.57
N ASN C 239 2.89 -41.36 31.06
CA ASN C 239 1.85 -40.59 31.70
C ASN C 239 0.90 -41.54 32.40
N HIS C 240 1.17 -41.79 33.68
CA HIS C 240 0.36 -42.76 34.42
C HIS C 240 -0.92 -42.13 34.99
N SER C 249 -0.32 -46.68 31.02
CA SER C 249 0.73 -45.62 30.87
C SER C 249 0.75 -45.18 29.41
N GLU C 250 0.28 -43.95 29.21
CA GLU C 250 0.34 -43.37 27.87
C GLU C 250 1.75 -42.79 27.69
N THR C 251 2.41 -43.04 26.57
CA THR C 251 3.73 -42.48 26.33
C THR C 251 3.63 -41.27 25.41
N THR C 252 4.40 -40.21 25.66
CA THR C 252 4.40 -39.03 24.79
C THR C 252 5.81 -38.48 24.48
N HIS C 253 6.05 -38.13 23.25
CA HIS C 253 7.42 -37.70 22.93
C HIS C 253 7.45 -36.17 22.81
N GLU C 254 8.06 -35.44 23.72
CA GLU C 254 7.93 -34.00 23.81
C GLU C 254 9.25 -33.35 23.48
N VAL C 255 9.17 -32.27 22.72
CA VAL C 255 10.29 -31.40 22.27
C VAL C 255 10.00 -30.05 22.88
N GLU C 256 10.81 -29.38 23.65
CA GLU C 256 10.41 -28.07 24.16
C GLU C 256 11.66 -27.20 24.05
N LEU C 257 11.51 -25.91 23.88
CA LEU C 257 12.55 -24.93 23.88
C LEU C 257 12.13 -23.94 25.00
N GLU C 258 13.07 -23.63 25.84
CA GLU C 258 12.72 -22.70 26.97
C GLU C 258 13.77 -21.63 26.97
N ILE C 259 13.38 -20.38 27.06
CA ILE C 259 14.30 -19.25 27.21
C ILE C 259 14.77 -19.13 28.66
N ASN C 260 15.98 -18.62 28.84
CA ASN C 260 16.55 -18.46 30.17
C ASN C 260 15.85 -17.33 30.93
N THR C 261 15.16 -17.65 32.03
CA THR C 261 14.37 -16.60 32.68
C THR C 261 15.16 -15.37 33.09
N PRO C 262 16.28 -15.48 33.79
CA PRO C 262 17.00 -14.25 34.18
C PRO C 262 17.42 -13.54 33.00
N ALA C 263 17.82 -14.22 31.87
CA ALA C 263 18.11 -13.29 30.72
C ALA C 263 16.84 -12.57 30.22
N LEU C 264 15.68 -13.22 30.31
CA LEU C 264 14.36 -12.72 29.89
C LEU C 264 14.01 -11.52 30.72
N LEU C 265 14.21 -11.62 32.00
CA LEU C 265 13.77 -10.59 32.99
C LEU C 265 14.70 -9.37 33.03
N ASN C 266 15.94 -9.58 32.67
CA ASN C 266 16.88 -8.47 32.54
C ASN C 266 16.54 -7.67 31.32
N ALA C 267 16.21 -8.40 30.22
CA ALA C 267 15.88 -7.70 28.98
C ALA C 267 14.58 -6.89 29.14
N PHE C 268 13.61 -7.45 29.84
CA PHE C 268 12.32 -6.87 30.09
C PHE C 268 12.53 -5.67 31.04
N ASP C 269 13.33 -5.77 32.11
CA ASP C 269 13.59 -4.58 32.89
C ASP C 269 14.34 -3.52 32.07
N ASN C 270 15.15 -3.67 31.09
CA ASN C 270 15.72 -2.66 30.26
C ASN C 270 14.95 -2.27 29.01
N ILE C 271 13.65 -2.49 28.94
CA ILE C 271 12.96 -2.22 27.67
C ILE C 271 12.75 -0.74 27.42
N THR C 272 12.58 0.11 28.42
CA THR C 272 12.48 1.55 28.13
C THR C 272 13.87 2.11 27.83
N ASN C 273 14.81 1.85 28.73
CA ASN C 273 16.22 2.15 28.54
C ASN C 273 16.77 1.73 27.18
N ASP C 274 16.66 0.45 26.81
CA ASP C 274 17.26 -0.14 25.64
C ASP C 274 16.59 -1.43 25.16
N SER C 275 15.53 -1.28 24.40
CA SER C 275 14.72 -2.33 23.83
C SER C 275 15.39 -3.27 22.84
N LYS C 276 16.60 -3.06 22.32
CA LYS C 276 17.30 -3.94 21.41
C LYS C 276 17.64 -5.29 22.10
N GLU C 277 17.92 -5.36 23.37
CA GLU C 277 18.18 -6.62 24.06
C GLU C 277 16.95 -7.52 24.13
N TYR C 278 15.85 -7.00 24.58
CA TYR C 278 14.58 -7.73 24.71
C TYR C 278 14.15 -8.20 23.31
N ALA C 279 14.26 -7.38 22.29
CA ALA C 279 13.88 -7.64 20.92
C ALA C 279 14.72 -8.77 20.32
N SER C 280 16.01 -8.71 20.65
CA SER C 280 16.90 -9.73 20.02
C SER C 280 16.82 -11.01 20.74
N LEU C 281 16.35 -11.01 22.02
CA LEU C 281 16.19 -12.27 22.73
C LEU C 281 14.91 -12.97 22.23
N ILE C 282 13.86 -12.18 21.89
CA ILE C 282 12.65 -12.79 21.37
C ILE C 282 12.89 -13.33 19.94
N ARG C 283 13.60 -12.58 19.15
CA ARG C 283 13.91 -12.99 17.78
C ARG C 283 14.70 -14.31 17.86
N THR C 284 15.81 -14.36 18.66
CA THR C 284 16.50 -15.63 18.69
C THR C 284 15.74 -16.84 19.27
N PHE C 285 14.79 -16.68 20.16
CA PHE C 285 13.91 -17.76 20.58
C PHE C 285 13.14 -18.32 19.39
N LEU C 286 12.36 -17.42 18.70
CA LEU C 286 11.62 -17.99 17.56
C LEU C 286 12.57 -18.46 16.47
N ASN C 287 13.71 -17.88 16.24
CA ASN C 287 14.72 -18.31 15.29
C ASN C 287 15.03 -19.76 15.49
N ASN C 288 15.31 -20.09 16.79
CA ASN C 288 15.60 -21.41 17.29
C ASN C 288 14.42 -22.34 17.13
N GLY C 289 13.22 -21.83 17.43
CA GLY C 289 12.01 -22.69 17.34
C GLY C 289 11.81 -23.03 15.87
N THR C 290 12.10 -22.05 14.98
CA THR C 290 12.02 -22.29 13.57
C THR C 290 13.02 -23.32 13.01
N ILE C 291 14.23 -23.27 13.52
CA ILE C 291 15.20 -24.27 13.05
C ILE C 291 14.60 -25.63 13.37
N ILE C 292 14.19 -25.85 14.61
CA ILE C 292 13.63 -27.14 15.07
C ILE C 292 12.37 -27.53 14.29
N ARG C 293 11.41 -26.62 14.15
CA ARG C 293 10.19 -26.92 13.44
C ARG C 293 10.39 -27.44 11.99
N ARG C 294 11.23 -26.82 11.25
CA ARG C 294 11.53 -27.06 9.87
C ARG C 294 12.44 -28.31 9.72
N LYS C 295 13.20 -28.61 10.76
CA LYS C 295 13.93 -29.89 10.69
C LYS C 295 13.03 -31.07 10.93
N LEU C 296 12.05 -30.98 11.85
CA LEU C 296 11.02 -32.00 12.07
C LEU C 296 10.13 -32.22 10.84
N SER C 297 9.86 -31.13 10.09
CA SER C 297 9.13 -31.25 8.85
C SER C 297 10.02 -31.85 7.73
N SER C 298 11.32 -31.54 7.63
CA SER C 298 12.14 -32.11 6.56
C SER C 298 12.47 -33.57 6.82
N LEU C 299 12.47 -34.04 8.05
CA LEU C 299 12.56 -35.41 8.46
C LEU C 299 11.29 -36.17 8.21
N SER C 300 10.14 -35.56 8.07
CA SER C 300 8.86 -36.19 7.87
C SER C 300 8.62 -36.37 6.39
N TYR C 301 9.52 -36.97 5.65
CA TYR C 301 9.34 -37.32 4.26
C TYR C 301 10.67 -37.58 3.58
#